data_9HKP
#
_entry.id   9HKP
#
_cell.length_a   126.382
_cell.length_b   126.382
_cell.length_c   126.574
_cell.angle_alpha   90.00
_cell.angle_beta   90.00
_cell.angle_gamma   90.00
#
_symmetry.space_group_name_H-M   'P 43 21 2'
#
loop_
_entity.id
_entity.type
_entity.pdbx_description
1 polymer 'Casein kinase II subunit alpha'
2 non-polymer '[1-[2-[[4-(2-methylpropyl)phenyl]sulfonylamino]ethyl]piperidin-4-yl]methyl 1~{H}-indole-3-carboxylate'
3 non-polymer 'SULFATE ION'
4 water water
#
_entity_poly.entity_id   1
_entity_poly.type   'polypeptide(L)'
_entity_poly.pdbx_seq_one_letter_code
;MHHHHHHSSGVDLGTENLYFQSMSGPVPSRARVYTDVNTHRPREYWDYESHVVEWGNQDDYQLVRKLGRGKYSEVFEAIN
ITNNEKVVVKILKPVKKKKIKREIKILENLRGGPNIITLADIVKDPVSRTPALVFEHVNNTDFKQLYQTLTDYDIRFYMY
EILKALDYCHSMGIMHRDVKPHNVMIDHEHRKLRLIDWGLAEFYHPGQEYNVRVASRYFKGPELLVDYQMYDYSLDMWSL
GCMLASMIFRKEPFFHGHDNYDQLVRIAKVLGTEDLYDYIDKYNIELDPRFNDILGRHSRKRWERFVHSENQHLVSPEAL
DFLDKLLRYDHQSRLTAREAMEHPYFYTVVKDQARMGSS
;
_entity_poly.pdbx_strand_id   A,B
#
loop_
_chem_comp.id
_chem_comp.type
_chem_comp.name
_chem_comp.formula
A1IVQ non-polymer '[1-[2-[[4-(2-methylpropyl)phenyl]sulfonylamino]ethyl]piperidin-4-yl]methyl 1~{H}-indole-3-carboxylate' 'C27 H35 N3 O4 S'
SO4 non-polymer 'SULFATE ION' 'O4 S -2'
#
# COMPACT_ATOMS: atom_id res chain seq x y z
N SER A 24 -35.49 -13.41 1.04
CA SER A 24 -34.62 -14.07 1.99
C SER A 24 -33.85 -13.06 2.85
N GLY A 25 -33.52 -13.45 4.09
CA GLY A 25 -32.85 -12.58 5.02
C GLY A 25 -31.34 -12.63 4.83
N PRO A 26 -30.60 -11.97 5.73
CA PRO A 26 -29.15 -11.86 5.57
C PRO A 26 -28.44 -13.19 5.78
N VAL A 27 -27.23 -13.24 5.26
CA VAL A 27 -26.36 -14.40 5.46
C VAL A 27 -25.75 -14.31 6.86
N PRO A 28 -25.74 -15.39 7.63
CA PRO A 28 -25.18 -15.34 8.98
C PRO A 28 -23.66 -15.19 8.93
N SER A 29 -23.10 -14.71 10.03
CA SER A 29 -21.68 -14.49 10.12
C SER A 29 -21.18 -14.89 11.50
N ARG A 30 -19.91 -15.25 11.56
CA ARG A 30 -19.20 -15.67 12.78
C ARG A 30 -17.87 -14.95 12.86
N ALA A 31 -17.45 -14.64 14.09
CA ALA A 31 -16.15 -14.03 14.31
C ALA A 31 -15.05 -15.04 14.03
N ARG A 32 -13.99 -14.61 13.34
CA ARG A 32 -12.99 -15.62 13.01
C ARG A 32 -11.94 -15.81 14.09
N VAL A 33 -11.98 -15.04 15.18
CA VAL A 33 -11.21 -15.35 16.37
C VAL A 33 -12.07 -15.12 17.61
N TYR A 34 -11.72 -15.83 18.68
CA TYR A 34 -12.38 -15.68 19.97
C TYR A 34 -13.88 -15.95 19.85
N THR A 35 -14.25 -16.88 18.98
CA THR A 35 -15.65 -17.09 18.61
C THR A 35 -16.45 -17.68 19.77
N ASP A 36 -15.99 -18.82 20.28
CA ASP A 36 -16.70 -19.56 21.33
C ASP A 36 -16.11 -19.32 22.71
N VAL A 37 -15.46 -18.18 22.92
CA VAL A 37 -14.84 -17.92 24.21
C VAL A 37 -15.89 -17.82 25.30
N ASN A 38 -17.03 -17.21 24.99
CA ASN A 38 -18.05 -17.09 26.02
C ASN A 38 -18.82 -18.39 26.21
N THR A 39 -18.94 -19.22 25.16
CA THR A 39 -19.63 -20.50 25.32
C THR A 39 -18.94 -21.36 26.37
N HIS A 40 -17.60 -21.31 26.42
CA HIS A 40 -16.81 -22.18 27.29
C HIS A 40 -16.67 -21.65 28.70
N ARG A 41 -17.32 -20.60 29.03
CA ARG A 41 -17.13 -20.11 30.38
C ARG A 41 -18.31 -20.49 31.23
N PRO A 42 -18.18 -20.43 32.56
CA PRO A 42 -19.36 -20.56 33.39
C PRO A 42 -20.37 -19.49 33.00
N ARG A 43 -21.65 -19.81 33.19
CA ARG A 43 -22.71 -18.89 32.80
C ARG A 43 -22.58 -17.53 33.47
N GLU A 44 -22.30 -17.52 34.78
CA GLU A 44 -22.24 -16.26 35.51
C GLU A 44 -21.16 -15.32 34.98
N TYR A 45 -20.34 -15.76 34.02
CA TYR A 45 -19.37 -14.85 33.43
C TYR A 45 -20.05 -13.81 32.55
N TRP A 46 -20.94 -14.24 31.67
CA TRP A 46 -21.55 -13.38 30.69
C TRP A 46 -23.00 -13.07 30.95
N ASP A 47 -23.67 -13.81 31.83
CA ASP A 47 -25.10 -13.59 32.11
C ASP A 47 -25.27 -12.49 33.16
N TYR A 48 -25.02 -11.26 32.70
CA TYR A 48 -25.00 -10.08 33.57
C TYR A 48 -26.38 -9.70 34.07
N GLU A 49 -27.46 -10.13 33.42
CA GLU A 49 -28.78 -9.70 33.90
C GLU A 49 -29.04 -10.18 35.31
N SER A 50 -28.43 -11.29 35.72
CA SER A 50 -28.65 -11.87 37.05
C SER A 50 -27.54 -11.53 38.03
N HIS A 51 -26.59 -10.69 37.65
CA HIS A 51 -25.50 -10.29 38.53
C HIS A 51 -25.99 -9.44 39.70
N VAL A 52 -25.58 -9.80 40.91
CA VAL A 52 -25.90 -9.04 42.11
C VAL A 52 -24.76 -8.04 42.38
N VAL A 53 -25.09 -6.76 42.44
CA VAL A 53 -24.13 -5.71 42.76
C VAL A 53 -24.46 -5.16 44.15
N GLU A 54 -23.44 -5.09 45.01
CA GLU A 54 -23.57 -4.46 46.32
C GLU A 54 -23.15 -3.00 46.21
N TRP A 55 -24.09 -2.09 46.50
CA TRP A 55 -23.90 -0.66 46.30
C TRP A 55 -23.36 -0.02 47.58
N GLY A 56 -22.14 0.48 47.51
CA GLY A 56 -21.60 1.31 48.58
C GLY A 56 -22.21 2.71 48.63
N ASN A 57 -21.65 3.50 49.54
CA ASN A 57 -22.17 4.81 49.91
C ASN A 57 -21.31 5.91 49.27
N GLN A 58 -21.94 6.78 48.47
CA GLN A 58 -21.16 7.73 47.67
C GLN A 58 -20.48 8.81 48.50
N ASP A 59 -20.99 9.09 49.70
CA ASP A 59 -20.35 10.05 50.59
C ASP A 59 -19.04 9.55 51.18
N ASP A 60 -18.60 8.33 50.88
CA ASP A 60 -17.18 8.05 50.99
C ASP A 60 -16.36 9.03 50.15
N TYR A 61 -16.97 9.63 49.14
CA TYR A 61 -16.28 10.45 48.16
C TYR A 61 -16.80 11.88 48.22
N GLN A 62 -15.90 12.80 47.92
CA GLN A 62 -16.21 14.21 47.81
C GLN A 62 -15.78 14.67 46.43
N LEU A 63 -16.74 15.12 45.64
CA LEU A 63 -16.46 15.56 44.29
C LEU A 63 -15.59 16.81 44.30
N VAL A 64 -14.56 16.83 43.45
CA VAL A 64 -13.68 17.99 43.37
C VAL A 64 -13.96 18.83 42.14
N ARG A 65 -13.93 18.25 40.96
CA ARG A 65 -14.04 19.07 39.77
C ARG A 65 -14.46 18.21 38.58
N LYS A 66 -15.24 18.79 37.68
CA LYS A 66 -15.67 18.06 36.50
C LYS A 66 -14.48 17.83 35.58
N LEU A 67 -14.42 16.64 34.98
CA LEU A 67 -13.42 16.30 34.00
C LEU A 67 -13.99 16.24 32.59
N GLY A 68 -15.28 15.97 32.49
CA GLY A 68 -15.92 15.78 31.20
C GLY A 68 -17.34 15.32 31.40
N ARG A 69 -17.99 15.01 30.29
CA ARG A 69 -19.41 14.65 30.33
C ARG A 69 -19.75 13.97 29.03
N GLY A 70 -20.15 12.70 29.11
CA GLY A 70 -20.70 11.98 27.98
C GLY A 70 -22.22 12.11 27.90
N LYS A 71 -22.79 11.41 26.90
CA LYS A 71 -24.23 11.39 26.73
C LYS A 71 -24.93 10.51 27.77
N TYR A 72 -24.20 9.60 28.43
CA TYR A 72 -24.76 8.71 29.45
C TYR A 72 -23.89 8.64 30.70
N SER A 73 -23.04 9.65 30.93
CA SER A 73 -22.19 9.70 32.12
C SER A 73 -21.77 11.15 32.37
N GLU A 74 -21.06 11.36 33.48
CA GLU A 74 -20.70 12.72 33.90
C GLU A 74 -19.54 12.58 34.89
N VAL A 75 -18.33 12.85 34.44
CA VAL A 75 -17.13 12.38 35.09
C VAL A 75 -16.59 13.48 35.99
N PHE A 76 -16.30 13.14 37.25
CA PHE A 76 -15.68 14.08 38.18
C PHE A 76 -14.46 13.45 38.82
N GLU A 77 -13.43 14.27 39.03
CA GLU A 77 -12.36 13.88 39.91
C GLU A 77 -12.82 14.08 41.37
N ALA A 78 -12.59 13.07 42.21
CA ALA A 78 -13.03 13.09 43.60
C ALA A 78 -11.90 12.61 44.51
N ILE A 79 -12.05 12.85 45.82
CA ILE A 79 -11.18 12.29 46.85
C ILE A 79 -12.01 11.34 47.72
N ASN A 80 -11.32 10.34 48.27
CA ASN A 80 -11.93 9.33 49.13
C ASN A 80 -11.66 9.75 50.57
N ILE A 81 -12.68 10.28 51.25
CA ILE A 81 -12.43 10.95 52.52
C ILE A 81 -12.17 9.96 53.65
N THR A 82 -11.73 8.76 53.29
CA THR A 82 -11.36 7.71 54.25
C THR A 82 -9.87 7.40 54.23
N ASN A 83 -9.31 7.15 53.04
CA ASN A 83 -7.88 6.98 52.84
C ASN A 83 -7.27 8.15 52.07
N ASN A 84 -8.01 9.25 51.92
CA ASN A 84 -7.54 10.48 51.31
C ASN A 84 -6.81 10.25 49.98
N GLU A 85 -7.49 9.55 49.07
CA GLU A 85 -6.91 9.19 47.78
C GLU A 85 -7.68 9.87 46.64
N LYS A 86 -6.96 10.31 45.62
CA LYS A 86 -7.59 10.71 44.36
C LYS A 86 -8.28 9.51 43.73
N VAL A 87 -9.25 9.81 42.87
CA VAL A 87 -10.17 8.81 42.36
C VAL A 87 -11.06 9.53 41.35
N VAL A 88 -11.77 8.78 40.50
CA VAL A 88 -12.62 9.38 39.48
C VAL A 88 -14.01 8.80 39.60
N VAL A 89 -15.01 9.66 39.71
CA VAL A 89 -16.39 9.22 39.91
C VAL A 89 -17.16 9.54 38.65
N LYS A 90 -17.91 8.57 38.16
CA LYS A 90 -18.67 8.71 36.92
C LYS A 90 -20.13 8.48 37.26
N ILE A 91 -20.92 9.55 37.29
CA ILE A 91 -22.33 9.40 37.59
C ILE A 91 -23.04 8.86 36.36
N LEU A 92 -23.84 7.83 36.56
CA LEU A 92 -24.53 7.17 35.47
C LEU A 92 -25.85 7.86 35.18
N LYS A 93 -26.16 8.00 33.92
CA LYS A 93 -27.43 8.61 33.54
C LYS A 93 -28.53 7.54 33.49
N PRO A 94 -29.79 7.95 33.65
CA PRO A 94 -30.85 6.97 33.92
C PRO A 94 -31.09 5.97 32.80
N VAL A 95 -30.46 4.81 32.93
CA VAL A 95 -30.51 3.79 31.88
C VAL A 95 -31.06 2.51 32.50
N LYS A 96 -31.61 1.62 31.64
CA LYS A 96 -32.13 0.33 32.09
C LYS A 96 -31.15 -0.36 33.04
N LYS A 97 -31.68 -0.85 34.17
CA LYS A 97 -30.83 -1.47 35.20
C LYS A 97 -29.82 -2.44 34.59
N LYS A 98 -30.34 -3.42 33.82
CA LYS A 98 -29.63 -4.26 32.85
C LYS A 98 -28.31 -3.66 32.36
N LYS A 99 -28.37 -2.50 31.71
CA LYS A 99 -27.16 -1.99 31.08
C LYS A 99 -26.18 -1.46 32.12
N ILE A 100 -26.65 -1.14 33.32
CA ILE A 100 -25.74 -0.77 34.40
C ILE A 100 -25.02 -2.01 34.92
N LYS A 101 -25.77 -3.11 35.12
CA LYS A 101 -25.14 -4.37 35.52
C LYS A 101 -24.17 -4.84 34.46
N ARG A 102 -24.49 -4.63 33.18
CA ARG A 102 -23.59 -5.07 32.11
C ARG A 102 -22.25 -4.38 32.20
N GLU A 103 -22.26 -3.03 32.25
CA GLU A 103 -20.99 -2.30 32.37
C GLU A 103 -20.25 -2.73 33.62
N ILE A 104 -20.96 -2.89 34.73
CA ILE A 104 -20.29 -3.34 35.94
C ILE A 104 -19.70 -4.73 35.73
N LYS A 105 -20.50 -5.66 35.22
CA LYS A 105 -19.99 -7.01 35.03
C LYS A 105 -18.76 -7.01 34.14
N ILE A 106 -18.82 -6.25 33.03
CA ILE A 106 -17.70 -6.23 32.09
C ILE A 106 -16.45 -5.62 32.75
N LEU A 107 -16.63 -4.54 33.50
CA LEU A 107 -15.50 -3.95 34.21
C LEU A 107 -14.95 -4.91 35.25
N GLU A 108 -15.83 -5.64 35.95
CA GLU A 108 -15.32 -6.59 36.92
C GLU A 108 -14.59 -7.73 36.22
N ASN A 109 -15.09 -8.17 35.05
CA ASN A 109 -14.46 -9.23 34.26
C ASN A 109 -13.10 -8.84 33.68
N LEU A 110 -12.87 -7.55 33.43
CA LEU A 110 -11.64 -7.10 32.77
C LEU A 110 -10.61 -6.49 33.72
N ARG A 111 -10.91 -6.39 35.02
CA ARG A 111 -10.00 -5.75 35.97
C ARG A 111 -8.61 -6.35 35.85
N GLY A 112 -7.61 -5.48 35.85
CA GLY A 112 -6.22 -5.89 35.82
C GLY A 112 -5.67 -6.19 34.45
N GLY A 113 -6.51 -6.17 33.40
CA GLY A 113 -6.08 -6.39 32.04
C GLY A 113 -5.27 -5.23 31.51
N PRO A 114 -4.45 -5.50 30.49
CA PRO A 114 -3.55 -4.46 29.97
C PRO A 114 -4.34 -3.30 29.40
N ASN A 115 -4.10 -2.11 29.95
CA ASN A 115 -4.58 -0.83 29.46
C ASN A 115 -6.08 -0.64 29.63
N ILE A 116 -6.74 -1.49 30.39
CA ILE A 116 -8.15 -1.30 30.73
C ILE A 116 -8.25 -0.46 32.00
N ILE A 117 -9.33 0.31 32.10
CA ILE A 117 -9.55 1.16 33.27
C ILE A 117 -9.89 0.27 34.48
N THR A 118 -9.60 0.77 35.68
CA THR A 118 -9.68 -0.03 36.89
C THR A 118 -10.82 0.45 37.78
N LEU A 119 -11.79 -0.44 38.04
CA LEU A 119 -12.95 -0.11 38.83
C LEU A 119 -12.63 -0.27 40.31
N ALA A 120 -12.88 0.80 41.07
CA ALA A 120 -12.51 0.81 42.48
C ALA A 120 -13.69 0.61 43.39
N ASP A 121 -14.87 1.07 42.99
CA ASP A 121 -16.03 0.96 43.84
C ASP A 121 -17.26 1.18 42.98
N ILE A 122 -18.41 0.92 43.57
CA ILE A 122 -19.71 1.05 42.93
C ILE A 122 -20.65 1.57 44.00
N VAL A 123 -21.23 2.76 43.78
CA VAL A 123 -21.91 3.47 44.85
C VAL A 123 -23.21 4.07 44.35
N LYS A 124 -24.06 4.40 45.31
CA LYS A 124 -25.32 5.04 45.06
C LYS A 124 -25.41 6.21 46.04
N ASP A 125 -25.71 7.40 45.55
CA ASP A 125 -25.88 8.53 46.44
C ASP A 125 -27.09 8.30 47.35
N PRO A 126 -26.95 8.49 48.67
CA PRO A 126 -28.04 8.10 49.57
C PRO A 126 -29.38 8.75 49.29
N VAL A 127 -29.41 10.05 48.96
CA VAL A 127 -30.67 10.76 48.79
C VAL A 127 -31.17 10.63 47.35
N SER A 128 -30.34 11.00 46.35
CA SER A 128 -30.80 10.89 44.96
C SER A 128 -30.94 9.43 44.53
N ARG A 129 -30.19 8.52 45.14
CA ARG A 129 -30.21 7.10 44.77
C ARG A 129 -29.78 6.88 43.32
N THR A 130 -28.94 7.77 42.79
CA THR A 130 -28.43 7.66 41.43
C THR A 130 -27.16 6.81 41.43
N PRO A 131 -27.06 5.80 40.57
CA PRO A 131 -25.87 4.95 40.55
C PRO A 131 -24.65 5.66 39.97
N ALA A 132 -23.49 5.33 40.51
CA ALA A 132 -22.25 5.91 40.00
C ALA A 132 -21.16 4.88 40.12
N LEU A 133 -20.25 4.88 39.15
CA LEU A 133 -19.06 4.04 39.18
C LEU A 133 -17.86 4.85 39.65
N VAL A 134 -16.98 4.21 40.41
CA VAL A 134 -15.79 4.87 40.94
C VAL A 134 -14.55 4.18 40.37
N PHE A 135 -13.71 4.95 39.70
CA PHE A 135 -12.52 4.39 39.04
C PHE A 135 -11.25 4.93 39.67
N GLU A 136 -10.15 4.23 39.42
CA GLU A 136 -8.80 4.67 39.77
CA GLU A 136 -8.90 4.75 39.91
C GLU A 136 -8.49 5.99 39.12
N HIS A 137 -7.65 6.80 39.75
CA HIS A 137 -7.30 8.08 39.17
C HIS A 137 -6.40 7.91 37.95
N VAL A 138 -6.61 8.77 36.95
CA VAL A 138 -5.70 8.97 35.82
C VAL A 138 -5.65 10.46 35.52
N ASN A 139 -4.56 10.91 34.92
CA ASN A 139 -4.41 12.29 34.45
C ASN A 139 -4.56 12.33 32.94
N ASN A 140 -5.40 13.23 32.43
CA ASN A 140 -5.45 13.45 30.99
C ASN A 140 -4.40 14.48 30.60
N THR A 141 -3.64 14.16 29.55
CA THR A 141 -2.70 15.11 28.97
C THR A 141 -3.47 16.14 28.15
N ASP A 142 -3.14 17.42 28.37
CA ASP A 142 -3.74 18.55 27.65
C ASP A 142 -4.05 18.13 26.22
N PHE A 143 -5.33 17.85 25.93
CA PHE A 143 -5.70 17.35 24.60
C PHE A 143 -5.22 18.30 23.49
N LYS A 144 -5.04 19.58 23.82
CA LYS A 144 -4.47 20.54 22.88
C LYS A 144 -2.97 20.34 22.70
N GLN A 145 -2.29 19.75 23.69
CA GLN A 145 -0.88 19.42 23.53
C GLN A 145 -0.68 18.35 22.47
N LEU A 146 -1.52 17.30 22.50
CA LEU A 146 -1.37 16.13 21.63
C LEU A 146 -1.26 16.49 20.14
N TYR A 147 -1.97 17.53 19.72
CA TYR A 147 -2.02 17.89 18.29
C TYR A 147 -0.62 18.16 17.74
N GLN A 148 0.16 19.00 18.42
CA GLN A 148 1.43 19.48 17.89
C GLN A 148 2.65 18.76 18.48
N THR A 149 2.44 17.80 19.38
CA THR A 149 3.54 17.00 19.94
C THR A 149 3.60 15.60 19.38
N LEU A 150 2.47 15.03 18.96
CA LEU A 150 2.45 13.63 18.60
C LEU A 150 3.36 13.38 17.41
N THR A 151 4.51 12.77 17.67
CA THR A 151 5.35 12.35 16.56
C THR A 151 4.71 11.15 15.87
N ASP A 152 5.22 10.82 14.69
CA ASP A 152 4.78 9.61 14.02
C ASP A 152 5.01 8.39 14.90
N TYR A 153 6.15 8.35 15.61
CA TYR A 153 6.41 7.26 16.55
C TYR A 153 5.40 7.24 17.70
N ASP A 154 5.12 8.40 18.29
CA ASP A 154 4.15 8.46 19.38
C ASP A 154 2.82 7.85 18.97
N ILE A 155 2.36 8.11 17.74
CA ILE A 155 1.12 7.49 17.28
C ILE A 155 1.26 5.97 17.25
N ARG A 156 2.39 5.48 16.73
CA ARG A 156 2.61 4.04 16.70
C ARG A 156 2.55 3.44 18.11
N PHE A 157 3.05 4.18 19.11
CA PHE A 157 3.10 3.68 20.48
C PHE A 157 1.71 3.65 21.10
N TYR A 158 1.03 4.78 21.12
CA TYR A 158 -0.28 4.78 21.73
C TYR A 158 -1.28 3.98 20.91
N MET A 159 -1.02 3.73 19.62
CA MET A 159 -1.87 2.80 18.89
C MET A 159 -1.60 1.36 19.31
N TYR A 160 -0.33 1.03 19.55
CA TYR A 160 -0.02 -0.30 20.06
C TYR A 160 -0.67 -0.52 21.41
N GLU A 161 -0.58 0.47 22.31
CA GLU A 161 -1.25 0.33 23.61
C GLU A 161 -2.74 0.07 23.43
N ILE A 162 -3.37 0.72 22.46
CA ILE A 162 -4.82 0.54 22.29
C ILE A 162 -5.12 -0.86 21.80
N LEU A 163 -4.30 -1.40 20.89
CA LEU A 163 -4.47 -2.79 20.45
C LEU A 163 -4.22 -3.79 21.57
N LYS A 164 -3.28 -3.51 22.48
CA LYS A 164 -3.17 -4.32 23.69
C LYS A 164 -4.52 -4.44 24.38
N ALA A 165 -5.21 -3.33 24.61
CA ALA A 165 -6.47 -3.38 25.34
C ALA A 165 -7.55 -4.06 24.51
N LEU A 166 -7.57 -3.82 23.22
CA LEU A 166 -8.58 -4.46 22.41
C LEU A 166 -8.30 -5.95 22.26
N ASP A 167 -7.02 -6.34 22.14
CA ASP A 167 -6.81 -7.78 22.03
C ASP A 167 -7.17 -8.48 23.34
N TYR A 168 -6.84 -7.87 24.47
CA TYR A 168 -7.25 -8.45 25.74
C TYR A 168 -8.75 -8.69 25.78
N CYS A 169 -9.52 -7.64 25.50
CA CYS A 169 -10.93 -7.74 25.78
C CYS A 169 -11.66 -8.57 24.73
N HIS A 170 -11.16 -8.61 23.49
CA HIS A 170 -11.72 -9.55 22.53
C HIS A 170 -11.41 -11.00 22.95
N SER A 171 -10.22 -11.24 23.50
CA SER A 171 -9.88 -12.56 24.02
C SER A 171 -10.73 -12.93 25.22
N MET A 172 -11.20 -11.94 25.96
CA MET A 172 -12.12 -12.14 27.06
C MET A 172 -13.58 -12.15 26.59
N GLY A 173 -13.80 -12.20 25.29
CA GLY A 173 -15.17 -12.33 24.80
C GLY A 173 -15.99 -11.07 24.88
N ILE A 174 -15.36 -9.89 24.87
CA ILE A 174 -16.05 -8.62 25.04
C ILE A 174 -15.68 -7.71 23.88
N MET A 175 -16.67 -7.06 23.29
CA MET A 175 -16.39 -5.97 22.35
C MET A 175 -16.71 -4.64 23.02
N HIS A 176 -15.88 -3.63 22.73
CA HIS A 176 -16.03 -2.32 23.35
C HIS A 176 -17.14 -1.52 22.68
N ARG A 177 -17.20 -1.55 21.35
CA ARG A 177 -18.27 -0.98 20.52
C ARG A 177 -18.31 0.55 20.54
N ASP A 178 -17.38 1.22 21.22
CA ASP A 178 -17.37 2.69 21.25
C ASP A 178 -15.94 3.21 21.17
N VAL A 179 -15.09 2.57 20.39
CA VAL A 179 -13.68 2.94 20.29
C VAL A 179 -13.58 4.26 19.53
N LYS A 180 -13.15 5.32 20.22
CA LYS A 180 -13.02 6.66 19.65
C LYS A 180 -12.16 7.49 20.60
N PRO A 181 -11.46 8.53 20.08
CA PRO A 181 -10.51 9.26 20.95
C PRO A 181 -11.09 9.77 22.26
N HIS A 182 -12.37 10.18 22.31
CA HIS A 182 -12.86 10.66 23.61
C HIS A 182 -12.99 9.54 24.63
N ASN A 183 -12.55 8.33 24.29
CA ASN A 183 -12.60 7.19 25.19
C ASN A 183 -11.21 6.61 25.44
N VAL A 184 -10.16 7.32 25.08
CA VAL A 184 -8.78 6.91 25.31
C VAL A 184 -8.15 7.95 26.23
N MET A 185 -7.83 7.53 27.44
CA MET A 185 -7.08 8.33 28.40
C MET A 185 -5.61 8.19 28.06
N ILE A 186 -4.89 9.30 27.94
CA ILE A 186 -3.44 9.23 27.82
C ILE A 186 -2.81 10.09 28.90
N ASP A 187 -1.78 9.56 29.53
CA ASP A 187 -0.92 10.28 30.46
C ASP A 187 0.44 10.35 29.77
N HIS A 188 0.65 11.43 29.01
CA HIS A 188 1.82 11.50 28.14
C HIS A 188 3.12 11.49 28.93
N GLU A 189 3.14 12.12 30.11
CA GLU A 189 4.38 12.20 30.88
C GLU A 189 4.85 10.79 31.26
N HIS A 190 3.92 9.89 31.55
CA HIS A 190 4.24 8.53 31.96
C HIS A 190 3.96 7.52 30.88
N ARG A 191 3.51 7.96 29.70
CA ARG A 191 3.29 7.08 28.54
C ARG A 191 2.33 5.93 28.87
N LYS A 192 1.37 6.21 29.75
CA LYS A 192 0.30 5.28 30.09
C LYS A 192 -0.95 5.62 29.28
N LEU A 193 -1.63 4.60 28.79
CA LEU A 193 -2.89 4.75 28.09
C LEU A 193 -3.93 3.87 28.77
N ARG A 194 -5.17 4.36 28.89
CA ARG A 194 -6.28 3.56 29.40
C ARG A 194 -7.49 3.67 28.47
N LEU A 195 -8.05 2.53 28.09
CA LEU A 195 -9.33 2.51 27.38
C LEU A 195 -10.47 2.65 28.39
N ILE A 196 -11.40 3.57 28.12
CA ILE A 196 -12.47 3.86 29.07
C ILE A 196 -13.86 3.77 28.43
N ASP A 197 -14.86 4.21 29.19
CA ASP A 197 -16.31 4.14 28.90
C ASP A 197 -16.72 2.79 28.36
N TRP A 198 -16.98 1.85 29.25
CA TRP A 198 -17.41 0.53 28.83
C TRP A 198 -18.92 0.39 28.81
N GLY A 199 -19.64 1.52 28.82
CA GLY A 199 -21.07 1.50 28.92
C GLY A 199 -21.80 0.94 27.71
N LEU A 200 -21.14 0.83 26.57
CA LEU A 200 -21.76 0.23 25.40
C LEU A 200 -21.14 -1.12 25.08
N ALA A 201 -20.22 -1.59 25.91
CA ALA A 201 -19.57 -2.87 25.68
C ALA A 201 -20.55 -4.03 25.86
N GLU A 202 -20.23 -5.17 25.25
CA GLU A 202 -21.19 -6.27 25.18
C GLU A 202 -20.39 -7.54 24.96
N PHE A 203 -20.97 -8.69 25.36
CA PHE A 203 -20.33 -9.98 25.13
C PHE A 203 -20.59 -10.48 23.72
N TYR A 204 -19.56 -11.03 23.10
CA TYR A 204 -19.78 -11.69 21.82
C TYR A 204 -20.32 -13.10 22.04
N HIS A 205 -21.40 -13.43 21.33
CA HIS A 205 -22.00 -14.75 21.34
C HIS A 205 -22.24 -15.12 19.90
N PRO A 206 -21.57 -16.14 19.37
CA PRO A 206 -21.75 -16.49 17.95
C PRO A 206 -23.24 -16.62 17.63
N GLY A 207 -23.66 -15.98 16.55
CA GLY A 207 -25.03 -16.03 16.12
C GLY A 207 -25.94 -14.99 16.70
N GLN A 208 -25.47 -14.15 17.62
CA GLN A 208 -26.33 -13.13 18.18
C GLN A 208 -26.39 -11.89 17.28
N GLU A 209 -27.54 -11.24 17.29
CA GLU A 209 -27.84 -10.04 16.52
C GLU A 209 -27.86 -8.87 17.47
N TYR A 210 -26.97 -7.91 17.26
CA TYR A 210 -26.81 -6.85 18.23
C TYR A 210 -27.46 -5.59 17.70
N ASN A 211 -27.81 -4.72 18.65
CA ASN A 211 -28.30 -3.41 18.30
C ASN A 211 -27.26 -2.67 17.48
N VAL A 212 -27.73 -1.99 16.42
CA VAL A 212 -26.84 -1.25 15.53
C VAL A 212 -26.82 0.23 15.86
N ARG A 213 -27.63 0.68 16.82
CA ARG A 213 -27.55 2.06 17.31
C ARG A 213 -26.49 2.11 18.42
N VAL A 214 -25.22 1.94 18.04
CA VAL A 214 -24.10 2.05 18.97
C VAL A 214 -22.96 2.78 18.27
N ALA A 215 -21.87 3.00 19.00
CA ALA A 215 -20.73 3.80 18.57
C ALA A 215 -21.15 5.24 18.26
N SER A 216 -20.17 6.10 17.93
CA SER A 216 -20.43 7.45 17.45
C SER A 216 -20.28 7.51 15.94
N ARG A 217 -21.15 8.30 15.30
CA ARG A 217 -21.26 8.44 13.85
C ARG A 217 -19.93 8.30 13.11
N TYR A 218 -19.00 9.22 13.35
CA TYR A 218 -17.74 9.25 12.62
C TYR A 218 -16.96 7.95 12.73
N PHE A 219 -17.30 7.08 13.70
CA PHE A 219 -16.60 5.83 13.93
C PHE A 219 -17.47 4.60 13.68
N LYS A 220 -18.73 4.79 13.28
CA LYS A 220 -19.61 3.67 12.98
C LYS A 220 -19.09 2.90 11.78
N GLY A 221 -18.90 1.60 11.98
CA GLY A 221 -18.49 0.70 10.94
C GLY A 221 -19.61 0.51 9.94
N PRO A 222 -19.24 0.22 8.69
CA PRO A 222 -20.25 0.01 7.64
C PRO A 222 -21.37 -0.94 8.03
N GLU A 223 -21.05 -2.01 8.77
CA GLU A 223 -22.07 -2.97 9.18
C GLU A 223 -23.13 -2.32 10.04
N LEU A 224 -22.79 -1.27 10.77
CA LEU A 224 -23.78 -0.55 11.55
C LEU A 224 -24.64 0.35 10.67
N LEU A 225 -24.05 0.98 9.65
CA LEU A 225 -24.82 1.94 8.86
C LEU A 225 -25.81 1.25 7.94
N VAL A 226 -25.55 -0.01 7.57
CA VAL A 226 -26.44 -0.76 6.70
C VAL A 226 -27.37 -1.67 7.49
N ASP A 227 -27.33 -1.59 8.82
CA ASP A 227 -28.05 -2.49 9.70
C ASP A 227 -27.71 -3.93 9.33
N TYR A 228 -26.55 -4.39 9.76
CA TYR A 228 -26.17 -5.79 9.70
C TYR A 228 -25.84 -6.22 11.12
N GLN A 229 -26.65 -7.12 11.69
CA GLN A 229 -26.72 -7.22 13.14
C GLN A 229 -25.78 -8.25 13.74
N MET A 230 -25.30 -9.22 12.97
CA MET A 230 -24.32 -10.20 13.45
C MET A 230 -22.90 -9.68 13.36
N TYR A 231 -22.65 -8.49 13.89
CA TYR A 231 -21.28 -8.01 13.86
C TYR A 231 -20.50 -8.64 15.02
N ASP A 232 -19.23 -8.29 15.15
CA ASP A 232 -18.44 -8.90 16.20
C ASP A 232 -17.28 -7.99 16.59
N TYR A 233 -16.15 -8.57 17.02
CA TYR A 233 -15.06 -7.75 17.50
C TYR A 233 -14.53 -6.83 16.41
N SER A 234 -14.57 -7.24 15.15
CA SER A 234 -13.97 -6.44 14.08
C SER A 234 -14.61 -5.06 13.96
N LEU A 235 -15.83 -4.90 14.50
CA LEU A 235 -16.40 -3.56 14.67
C LEU A 235 -15.39 -2.63 15.33
N ASP A 236 -14.69 -3.11 16.37
CA ASP A 236 -13.73 -2.27 17.06
C ASP A 236 -12.55 -1.94 16.16
N MET A 237 -12.20 -2.82 15.23
CA MET A 237 -11.06 -2.54 14.38
C MET A 237 -11.40 -1.49 13.32
N TRP A 238 -12.66 -1.40 12.90
CA TRP A 238 -13.01 -0.30 12.01
C TRP A 238 -12.83 1.03 12.70
N SER A 239 -13.50 1.22 13.83
CA SER A 239 -13.35 2.46 14.58
C SER A 239 -11.87 2.82 14.78
N LEU A 240 -11.07 1.83 15.17
CA LEU A 240 -9.64 2.08 15.37
C LEU A 240 -9.00 2.59 14.09
N GLY A 241 -9.41 2.05 12.94
CA GLY A 241 -8.93 2.56 11.67
C GLY A 241 -9.31 4.01 11.44
N CYS A 242 -10.49 4.43 11.91
CA CYS A 242 -10.89 5.83 11.77
C CYS A 242 -9.99 6.77 12.59
N MET A 243 -9.65 6.39 13.83
CA MET A 243 -8.70 7.17 14.62
C MET A 243 -7.37 7.30 13.91
N LEU A 244 -6.76 6.17 13.52
CA LEU A 244 -5.51 6.22 12.78
C LEU A 244 -5.64 7.13 11.56
N ALA A 245 -6.68 6.92 10.76
CA ALA A 245 -7.00 7.81 9.66
C ALA A 245 -6.95 9.27 10.10
N SER A 246 -7.65 9.62 11.17
CA SER A 246 -7.75 11.03 11.52
C SER A 246 -6.44 11.56 12.11
N MET A 247 -5.63 10.67 12.72
CA MET A 247 -4.35 11.08 13.31
C MET A 247 -3.33 11.38 12.22
N ILE A 248 -2.99 10.38 11.40
CA ILE A 248 -1.90 10.53 10.45
C ILE A 248 -2.21 11.51 9.33
N PHE A 249 -3.47 11.80 9.04
CA PHE A 249 -3.79 12.79 8.03
C PHE A 249 -4.10 14.15 8.62
N ARG A 250 -4.17 14.24 9.95
CA ARG A 250 -4.53 15.47 10.65
C ARG A 250 -5.82 16.04 10.08
N LYS A 251 -6.81 15.16 9.93
CA LYS A 251 -8.13 15.47 9.40
C LYS A 251 -9.12 14.82 10.36
N GLU A 252 -9.85 15.63 11.13
CA GLU A 252 -10.66 15.07 12.21
C GLU A 252 -12.09 15.60 12.10
N PRO A 253 -13.10 14.74 11.88
CA PRO A 253 -13.03 13.30 11.74
C PRO A 253 -12.70 12.93 10.30
N PHE A 254 -12.26 11.70 10.04
CA PHE A 254 -11.82 11.42 8.69
C PHE A 254 -12.98 11.14 7.73
N PHE A 255 -14.07 10.53 8.21
CA PHE A 255 -15.32 10.43 7.45
C PHE A 255 -16.34 11.32 8.14
N HIS A 256 -16.59 12.48 7.55
CA HIS A 256 -17.30 13.57 8.20
C HIS A 256 -18.74 13.57 7.67
N GLY A 257 -19.61 12.82 8.34
CA GLY A 257 -20.98 12.65 7.85
C GLY A 257 -21.98 13.63 8.47
N HIS A 258 -22.92 14.09 7.63
CA HIS A 258 -23.99 14.96 8.12
C HIS A 258 -25.09 14.18 8.85
N ASP A 259 -25.27 12.91 8.52
CA ASP A 259 -26.20 12.02 9.21
C ASP A 259 -25.68 10.59 9.05
N ASN A 260 -26.49 9.60 9.44
CA ASN A 260 -26.00 8.22 9.37
C ASN A 260 -25.99 7.71 7.93
N TYR A 261 -27.02 8.04 7.15
CA TYR A 261 -27.00 7.68 5.73
C TYR A 261 -25.87 8.37 4.98
N ASP A 262 -25.66 9.65 5.26
CA ASP A 262 -24.55 10.36 4.63
C ASP A 262 -23.21 9.75 5.03
N GLN A 263 -23.06 9.31 6.28
CA GLN A 263 -21.79 8.77 6.72
C GLN A 263 -21.30 7.67 5.78
N LEU A 264 -22.21 6.77 5.37
CA LEU A 264 -21.81 5.73 4.42
C LEU A 264 -21.37 6.34 3.10
N VAL A 265 -22.01 7.44 2.68
CA VAL A 265 -21.63 8.10 1.44
C VAL A 265 -20.25 8.73 1.56
N ARG A 266 -19.95 9.35 2.70
CA ARG A 266 -18.58 9.78 2.94
C ARG A 266 -17.61 8.61 2.85
N ILE A 267 -17.99 7.45 3.40
CA ILE A 267 -17.10 6.30 3.32
C ILE A 267 -17.01 5.79 1.87
N ALA A 268 -18.14 5.68 1.18
CA ALA A 268 -18.10 5.17 -0.18
C ALA A 268 -17.32 6.07 -1.12
N LYS A 269 -17.26 7.37 -0.84
CA LYS A 269 -16.46 8.27 -1.69
C LYS A 269 -14.96 8.01 -1.52
N VAL A 270 -14.57 7.40 -0.41
CA VAL A 270 -13.17 7.05 -0.13
C VAL A 270 -12.86 5.62 -0.53
N LEU A 271 -13.73 4.70 -0.16
CA LEU A 271 -13.49 3.27 -0.35
C LEU A 271 -14.08 2.75 -1.65
N GLY A 272 -14.80 3.58 -2.39
CA GLY A 272 -15.44 3.15 -3.61
C GLY A 272 -16.74 2.41 -3.35
N THR A 273 -17.57 2.33 -4.38
CA THR A 273 -18.85 1.65 -4.24
C THR A 273 -18.84 0.20 -4.70
N GLU A 274 -17.95 -0.15 -5.62
CA GLU A 274 -17.87 -1.52 -6.09
C GLU A 274 -17.68 -2.50 -4.92
N ASP A 275 -16.77 -2.19 -3.99
CA ASP A 275 -16.59 -3.07 -2.82
C ASP A 275 -17.81 -3.06 -1.92
N LEU A 276 -18.48 -1.93 -1.82
CA LEU A 276 -19.67 -1.82 -0.98
C LEU A 276 -20.77 -2.72 -1.52
N TYR A 277 -20.96 -2.72 -2.84
CA TYR A 277 -22.02 -3.54 -3.40
C TYR A 277 -21.63 -5.01 -3.45
N ASP A 278 -20.34 -5.31 -3.49
CA ASP A 278 -19.90 -6.69 -3.23
C ASP A 278 -20.24 -7.11 -1.81
N TYR A 279 -19.93 -6.24 -0.84
CA TYR A 279 -20.23 -6.52 0.55
C TYR A 279 -21.69 -6.81 0.75
N ILE A 280 -22.55 -6.07 0.07
CA ILE A 280 -23.98 -6.20 0.26
C ILE A 280 -24.50 -7.48 -0.39
N ASP A 281 -23.93 -7.86 -1.56
CA ASP A 281 -24.32 -9.10 -2.20
C ASP A 281 -23.80 -10.31 -1.44
N LYS A 282 -22.59 -10.24 -0.90
CA LYS A 282 -22.03 -11.38 -0.20
C LYS A 282 -22.83 -11.71 1.04
N TYR A 283 -23.33 -10.68 1.74
CA TYR A 283 -24.11 -10.92 2.95
C TYR A 283 -25.61 -10.84 2.73
N ASN A 284 -26.06 -10.66 1.48
CA ASN A 284 -27.50 -10.59 1.15
C ASN A 284 -28.21 -9.55 2.00
N ILE A 285 -27.50 -8.45 2.29
CA ILE A 285 -28.11 -7.32 2.96
C ILE A 285 -29.11 -6.65 2.03
N GLU A 286 -30.29 -6.33 2.55
CA GLU A 286 -31.21 -5.48 1.84
C GLU A 286 -30.97 -4.06 2.27
N LEU A 287 -31.01 -3.14 1.32
CA LEU A 287 -30.56 -1.78 1.53
C LEU A 287 -31.76 -0.85 1.57
N ASP A 288 -31.74 0.05 2.55
CA ASP A 288 -32.77 1.07 2.67
C ASP A 288 -33.01 1.74 1.31
N PRO A 289 -34.26 2.01 0.94
CA PRO A 289 -34.50 2.74 -0.31
C PRO A 289 -33.95 4.16 -0.28
N ARG A 290 -33.67 4.70 0.92
CA ARG A 290 -32.95 5.96 1.06
C ARG A 290 -31.60 5.90 0.36
N PHE A 291 -30.80 4.89 0.70
CA PHE A 291 -29.49 4.71 0.09
C PHE A 291 -29.57 4.58 -1.43
N ASN A 292 -30.66 4.04 -1.95
CA ASN A 292 -30.71 3.58 -3.33
C ASN A 292 -30.56 4.71 -4.36
N ASP A 293 -29.96 5.84 -3.98
CA ASP A 293 -29.75 6.92 -4.93
C ASP A 293 -28.74 7.96 -4.44
N ILE A 294 -28.38 7.93 -3.17
CA ILE A 294 -27.42 8.90 -2.65
C ILE A 294 -25.98 8.42 -2.78
N LEU A 295 -25.75 7.10 -2.75
CA LEU A 295 -24.39 6.58 -2.85
C LEU A 295 -23.79 6.81 -4.23
N GLY A 296 -24.55 6.59 -5.29
CA GLY A 296 -24.03 6.72 -6.64
C GLY A 296 -22.89 5.75 -6.93
N ARG A 297 -21.99 6.17 -7.84
CA ARG A 297 -20.82 5.39 -8.22
C ARG A 297 -19.57 6.14 -7.82
N HIS A 298 -18.58 5.43 -7.29
CA HIS A 298 -17.33 6.06 -6.87
C HIS A 298 -16.19 5.06 -6.96
N SER A 299 -15.06 5.53 -7.49
CA SER A 299 -13.83 4.78 -7.44
C SER A 299 -13.31 4.76 -6.01
N ARG A 300 -12.51 3.73 -5.72
CA ARG A 300 -11.78 3.67 -4.46
C ARG A 300 -10.54 4.55 -4.57
N LYS A 301 -10.45 5.56 -3.71
CA LYS A 301 -9.38 6.53 -3.88
C LYS A 301 -8.08 5.98 -3.30
N ARG A 302 -6.96 6.51 -3.82
CA ARG A 302 -5.64 6.13 -3.34
C ARG A 302 -5.27 6.96 -2.13
N TRP A 303 -4.65 6.33 -1.13
CA TRP A 303 -4.41 7.03 0.12
C TRP A 303 -3.58 8.30 -0.06
N GLU A 304 -2.74 8.36 -1.10
CA GLU A 304 -1.90 9.53 -1.33
C GLU A 304 -2.71 10.79 -1.61
N ARG A 305 -3.96 10.67 -2.08
CA ARG A 305 -4.81 11.85 -2.25
C ARG A 305 -4.89 12.66 -0.97
N PHE A 306 -4.77 12.01 0.19
CA PHE A 306 -4.92 12.66 1.49
C PHE A 306 -3.61 13.12 2.11
N VAL A 307 -2.47 12.88 1.46
CA VAL A 307 -1.21 13.38 1.98
C VAL A 307 -1.02 14.81 1.51
N HIS A 308 -0.31 15.59 2.32
CA HIS A 308 -0.01 16.98 2.00
C HIS A 308 1.07 17.42 2.96
N SER A 309 1.61 18.62 2.72
CA SER A 309 2.83 19.06 3.40
C SER A 309 2.74 18.96 4.92
N GLU A 310 1.56 19.17 5.50
CA GLU A 310 1.44 19.27 6.95
C GLU A 310 1.11 17.94 7.64
N ASN A 311 0.96 16.84 6.89
CA ASN A 311 0.75 15.53 7.49
C ASN A 311 1.71 14.47 6.97
N GLN A 312 2.62 14.81 6.04
CA GLN A 312 3.48 13.83 5.39
C GLN A 312 4.53 13.25 6.34
N HIS A 313 4.76 13.88 7.48
CA HIS A 313 5.70 13.33 8.45
C HIS A 313 5.10 12.19 9.27
N LEU A 314 3.79 12.00 9.22
CA LEU A 314 3.13 10.90 9.91
C LEU A 314 2.69 9.81 8.96
N VAL A 315 2.80 10.04 7.66
CA VAL A 315 2.36 9.07 6.66
C VAL A 315 3.59 8.35 6.13
N SER A 316 3.52 7.04 6.09
CA SER A 316 4.58 6.18 5.62
C SER A 316 3.95 5.06 4.80
N PRO A 317 4.74 4.38 3.96
CA PRO A 317 4.21 3.16 3.33
C PRO A 317 3.70 2.14 4.34
N GLU A 318 4.35 2.00 5.49
CA GLU A 318 3.86 1.06 6.50
C GLU A 318 2.51 1.50 7.04
N ALA A 319 2.38 2.78 7.38
CA ALA A 319 1.11 3.26 7.92
C ALA A 319 -0.01 3.15 6.90
N LEU A 320 0.30 3.26 5.63
CA LEU A 320 -0.78 3.24 4.65
C LEU A 320 -1.22 1.81 4.40
N ASP A 321 -0.27 0.86 4.44
CA ASP A 321 -0.62 -0.55 4.42
C ASP A 321 -1.47 -0.92 5.62
N PHE A 322 -0.99 -0.60 6.82
CA PHE A 322 -1.71 -0.92 8.04
C PHE A 322 -3.14 -0.35 8.03
N LEU A 323 -3.26 0.95 7.76
CA LEU A 323 -4.57 1.60 7.74
C LEU A 323 -5.50 0.96 6.72
N ASP A 324 -4.99 0.65 5.53
CA ASP A 324 -5.85 0.09 4.50
C ASP A 324 -6.39 -1.28 4.90
N LYS A 325 -5.64 -2.01 5.73
CA LYS A 325 -6.02 -3.36 6.16
C LYS A 325 -6.98 -3.35 7.34
N LEU A 326 -7.39 -2.19 7.81
CA LEU A 326 -8.45 -2.01 8.78
C LEU A 326 -9.73 -1.49 8.16
N LEU A 327 -9.65 -0.54 7.23
CA LEU A 327 -10.84 0.09 6.65
C LEU A 327 -11.32 -0.75 5.48
N ARG A 328 -12.08 -1.80 5.80
CA ARG A 328 -12.69 -2.68 4.82
C ARG A 328 -14.16 -2.81 5.13
N TYR A 329 -14.99 -2.85 4.08
CA TYR A 329 -16.41 -3.10 4.28
C TYR A 329 -16.63 -4.45 4.93
N ASP A 330 -16.20 -5.52 4.27
CA ASP A 330 -16.32 -6.87 4.82
C ASP A 330 -15.61 -6.94 6.15
N HIS A 331 -16.37 -7.20 7.22
CA HIS A 331 -15.77 -7.23 8.53
C HIS A 331 -14.94 -8.48 8.76
N GLN A 332 -15.22 -9.57 8.03
CA GLN A 332 -14.39 -10.76 8.16
C GLN A 332 -12.94 -10.47 7.77
N SER A 333 -12.72 -9.51 6.88
CA SER A 333 -11.42 -9.30 6.27
C SER A 333 -10.63 -8.19 6.92
N ARG A 334 -11.18 -7.50 7.91
CA ARG A 334 -10.40 -6.54 8.68
C ARG A 334 -9.40 -7.31 9.53
N LEU A 335 -8.30 -6.65 9.88
CA LEU A 335 -7.33 -7.31 10.72
C LEU A 335 -7.95 -7.59 12.08
N THR A 336 -7.47 -8.64 12.74
CA THR A 336 -7.80 -8.75 14.16
C THR A 336 -6.83 -7.87 14.98
N ALA A 337 -7.21 -7.57 16.22
CA ALA A 337 -6.26 -6.88 17.09
C ALA A 337 -4.92 -7.59 17.08
N ARG A 338 -4.93 -8.92 17.18
CA ARG A 338 -3.69 -9.70 17.23
C ARG A 338 -2.89 -9.57 15.92
N GLU A 339 -3.56 -9.69 14.77
CA GLU A 339 -2.84 -9.52 13.50
C GLU A 339 -2.31 -8.10 13.36
N ALA A 340 -3.13 -7.10 13.71
CA ALA A 340 -2.70 -5.70 13.69
C ALA A 340 -1.41 -5.47 14.48
N MET A 341 -1.34 -5.95 15.72
CA MET A 341 -0.11 -5.79 16.52
C MET A 341 1.08 -6.48 15.89
N GLU A 342 0.87 -7.24 14.82
CA GLU A 342 1.95 -7.93 14.17
C GLU A 342 2.38 -7.22 12.91
N HIS A 343 1.66 -6.17 12.54
CA HIS A 343 1.94 -5.42 11.34
C HIS A 343 3.30 -4.73 11.43
N PRO A 344 4.01 -4.59 10.31
CA PRO A 344 5.31 -3.91 10.33
C PRO A 344 5.25 -2.48 10.80
N TYR A 345 4.08 -1.84 10.74
CA TYR A 345 3.92 -0.52 11.35
C TYR A 345 4.48 -0.48 12.77
N PHE A 346 4.40 -1.59 13.51
CA PHE A 346 4.75 -1.61 14.92
C PHE A 346 6.11 -2.23 15.21
N TYR A 347 6.93 -2.53 14.19
CA TYR A 347 8.23 -3.18 14.41
C TYR A 347 9.08 -2.39 15.38
N THR A 348 9.17 -1.07 15.16
CA THR A 348 10.04 -0.23 15.98
C THR A 348 9.62 -0.26 17.44
N VAL A 349 8.32 -0.13 17.71
CA VAL A 349 7.87 -0.03 19.11
C VAL A 349 7.98 -1.38 19.82
N VAL A 350 7.81 -2.48 19.09
CA VAL A 350 8.00 -3.81 19.67
C VAL A 350 9.46 -4.02 20.05
N LYS A 351 10.38 -3.49 19.23
CA LYS A 351 11.81 -3.56 19.55
C LYS A 351 12.12 -2.83 20.85
N ASP A 352 11.55 -1.63 21.03
CA ASP A 352 11.87 -0.81 22.19
C ASP A 352 11.29 -1.38 23.47
N GLN A 353 10.36 -2.32 23.38
CA GLN A 353 9.75 -2.93 24.57
C GLN A 353 10.57 -4.11 25.08
N ALA A 354 11.86 -3.87 25.26
CA ALA A 354 12.80 -4.85 25.78
C ALA A 354 14.18 -4.19 25.99
N SER B 24 -11.05 13.76 -32.64
CA SER B 24 -10.82 15.20 -32.61
C SER B 24 -9.32 15.53 -32.40
N GLY B 25 -8.51 14.48 -32.31
CA GLY B 25 -7.08 14.62 -32.19
C GLY B 25 -6.57 14.33 -30.79
N PRO B 26 -5.55 13.45 -30.68
CA PRO B 26 -4.91 13.22 -29.39
C PRO B 26 -4.44 14.52 -28.74
N VAL B 27 -4.41 14.52 -27.42
CA VAL B 27 -3.89 15.65 -26.65
C VAL B 27 -2.40 15.43 -26.46
N PRO B 28 -1.55 16.42 -26.77
CA PRO B 28 -0.11 16.19 -26.72
C PRO B 28 0.39 16.03 -25.29
N SER B 29 1.66 15.64 -25.18
CA SER B 29 2.30 15.36 -23.90
C SER B 29 3.78 15.69 -24.02
N ARG B 30 4.38 16.16 -22.93
CA ARG B 30 5.83 16.32 -22.86
C ARG B 30 6.37 15.45 -21.74
N ALA B 31 7.64 15.13 -21.82
CA ALA B 31 8.32 14.51 -20.71
C ALA B 31 8.44 15.50 -19.57
N ARG B 32 8.09 15.11 -18.35
CA ARG B 32 8.25 16.03 -17.24
C ARG B 32 9.62 15.93 -16.61
N VAL B 33 10.63 15.48 -17.35
CA VAL B 33 12.00 15.45 -16.87
C VAL B 33 12.86 15.23 -18.12
N TYR B 34 14.03 15.87 -18.18
CA TYR B 34 14.94 15.77 -19.35
C TYR B 34 14.22 16.13 -20.64
N THR B 35 13.25 17.03 -20.54
CA THR B 35 12.38 17.31 -21.68
C THR B 35 13.16 17.73 -22.90
N ASP B 36 14.18 18.59 -22.72
CA ASP B 36 14.85 19.23 -23.86
C ASP B 36 16.32 18.86 -24.02
N VAL B 37 16.82 17.90 -23.24
CA VAL B 37 18.22 17.49 -23.29
C VAL B 37 18.73 17.43 -24.73
N ASN B 38 17.93 16.86 -25.62
CA ASN B 38 18.44 16.68 -26.97
C ASN B 38 18.47 17.97 -27.78
N THR B 39 17.42 18.80 -27.67
CA THR B 39 17.40 20.11 -28.31
C THR B 39 18.69 20.89 -28.11
N HIS B 40 19.17 20.91 -26.87
CA HIS B 40 20.40 21.61 -26.53
C HIS B 40 21.65 20.84 -26.92
N ARG B 41 21.51 19.70 -27.49
CA ARG B 41 22.77 19.11 -27.88
C ARG B 41 23.10 19.48 -29.32
N PRO B 42 24.35 19.29 -29.72
CA PRO B 42 24.67 19.43 -31.15
C PRO B 42 23.87 18.43 -31.96
N ARG B 43 23.58 18.81 -33.20
CA ARG B 43 22.76 17.98 -34.10
C ARG B 43 23.34 16.57 -34.22
N GLU B 44 24.68 16.46 -34.32
CA GLU B 44 25.39 15.19 -34.35
C GLU B 44 25.27 14.45 -33.12
N TYR B 45 24.48 14.82 -32.13
CA TYR B 45 24.33 13.91 -31.00
C TYR B 45 23.21 12.91 -31.26
N TRP B 46 22.10 13.34 -31.87
CA TRP B 46 20.91 12.52 -32.00
C TRP B 46 20.49 12.24 -33.44
N ASP B 47 21.12 12.87 -34.43
CA ASP B 47 20.80 12.68 -35.84
C ASP B 47 21.59 11.50 -36.41
N TYR B 48 21.18 10.31 -35.99
CA TYR B 48 21.91 9.09 -36.36
C TYR B 48 21.76 8.76 -37.83
N GLU B 49 20.74 9.30 -38.50
CA GLU B 49 20.55 9.01 -39.92
C GLU B 49 21.83 9.27 -40.69
N SER B 50 22.53 10.35 -40.35
CA SER B 50 23.69 10.76 -41.13
C SER B 50 24.98 10.61 -40.34
N HIS B 51 25.20 9.43 -39.77
CA HIS B 51 26.39 9.12 -39.00
C HIS B 51 27.16 8.02 -39.72
N VAL B 52 28.35 8.34 -40.25
CA VAL B 52 29.16 7.32 -40.89
C VAL B 52 29.80 6.44 -39.81
N VAL B 53 29.74 5.13 -40.06
CA VAL B 53 30.29 4.16 -39.07
C VAL B 53 31.51 3.49 -39.70
N GLU B 54 32.64 3.51 -38.98
CA GLU B 54 33.84 2.83 -39.47
C GLU B 54 33.71 1.33 -39.15
N TRP B 55 34.34 0.47 -39.93
CA TRP B 55 34.18 -0.97 -39.72
C TRP B 55 35.50 -1.69 -39.58
N GLY B 56 35.75 -2.37 -38.45
CA GLY B 56 36.91 -3.21 -38.35
C GLY B 56 36.69 -4.51 -39.10
N ASN B 57 37.66 -5.41 -39.02
CA ASN B 57 37.56 -6.71 -39.68
C ASN B 57 37.13 -7.75 -38.66
N GLN B 58 35.99 -8.40 -38.89
CA GLN B 58 35.55 -9.47 -38.00
C GLN B 58 36.65 -10.50 -37.81
N ASP B 59 37.62 -10.50 -38.73
CA ASP B 59 38.78 -11.37 -38.69
C ASP B 59 39.68 -11.10 -37.48
N ASP B 60 39.49 -9.98 -36.79
CA ASP B 60 40.23 -9.75 -35.56
C ASP B 60 39.76 -10.65 -34.43
N TYR B 61 38.54 -11.20 -34.55
CA TYR B 61 37.84 -11.91 -33.49
C TYR B 61 37.43 -13.28 -33.97
N GLN B 62 37.78 -14.31 -33.21
CA GLN B 62 37.31 -15.66 -33.45
C GLN B 62 36.22 -15.99 -32.45
N LEU B 63 35.08 -16.50 -32.94
CA LEU B 63 33.99 -16.89 -32.06
C LEU B 63 34.32 -18.19 -31.33
N VAL B 64 34.07 -18.20 -30.03
CA VAL B 64 34.32 -19.37 -29.20
C VAL B 64 33.06 -20.20 -29.01
N ARG B 65 31.97 -19.58 -28.58
CA ARG B 65 30.81 -20.34 -28.18
C ARG B 65 29.62 -19.40 -28.02
N LYS B 66 28.43 -19.90 -28.35
CA LYS B 66 27.22 -19.11 -28.39
C LYS B 66 26.66 -18.89 -26.99
N LEU B 67 26.28 -17.65 -26.70
CA LEU B 67 25.80 -17.24 -25.39
C LEU B 67 24.29 -17.05 -25.32
N GLY B 68 23.62 -16.93 -26.46
CA GLY B 68 22.19 -16.73 -26.45
C GLY B 68 21.73 -16.25 -27.80
N ARG B 69 20.43 -16.02 -27.90
CA ARG B 69 19.88 -15.46 -29.12
C ARG B 69 18.83 -14.38 -28.82
N GLY B 70 17.91 -14.21 -29.76
CA GLY B 70 16.96 -13.12 -29.76
C GLY B 70 16.43 -12.94 -31.15
N LYS B 71 15.46 -12.04 -31.29
CA LYS B 71 14.91 -11.81 -32.63
C LYS B 71 15.95 -11.18 -33.54
N TYR B 72 16.76 -10.27 -33.01
CA TYR B 72 17.59 -9.43 -33.84
C TYR B 72 19.05 -9.86 -33.88
N SER B 73 19.48 -10.73 -32.97
CA SER B 73 20.90 -11.01 -32.91
C SER B 73 21.16 -12.34 -32.24
N GLU B 74 22.31 -12.92 -32.59
CA GLU B 74 22.95 -14.00 -31.86
C GLU B 74 24.18 -13.46 -31.16
N VAL B 75 24.39 -13.87 -29.92
CA VAL B 75 25.44 -13.33 -29.08
C VAL B 75 26.41 -14.45 -28.74
N PHE B 76 27.71 -14.21 -28.96
CA PHE B 76 28.77 -15.19 -28.78
C PHE B 76 29.81 -14.68 -27.81
N GLU B 77 30.39 -15.57 -27.03
CA GLU B 77 31.66 -15.24 -26.41
C GLU B 77 32.77 -15.49 -27.41
N ALA B 78 33.62 -14.50 -27.65
CA ALA B 78 34.70 -14.61 -28.62
C ALA B 78 36.01 -14.09 -28.03
N ILE B 79 37.09 -14.25 -28.79
CA ILE B 79 38.42 -13.81 -28.36
C ILE B 79 38.97 -12.87 -29.40
N ASN B 80 39.84 -11.98 -28.94
CA ASN B 80 40.47 -10.95 -29.74
C ASN B 80 41.88 -11.42 -30.04
N ILE B 81 42.09 -12.00 -31.23
CA ILE B 81 43.37 -12.64 -31.52
C ILE B 81 44.53 -11.65 -31.53
N THR B 82 44.28 -10.36 -31.70
CA THR B 82 45.40 -9.42 -31.82
C THR B 82 46.03 -9.14 -30.46
N ASN B 83 45.24 -9.15 -29.39
CA ASN B 83 45.78 -8.90 -28.07
C ASN B 83 45.27 -9.85 -27.00
N ASN B 84 44.51 -10.89 -27.39
CA ASN B 84 44.32 -12.14 -26.63
C ASN B 84 43.32 -12.10 -25.46
N GLU B 85 42.28 -11.26 -25.49
CA GLU B 85 41.31 -11.43 -24.40
C GLU B 85 39.87 -11.55 -24.84
N LYS B 86 38.99 -11.48 -23.86
CA LYS B 86 37.61 -11.92 -23.97
C LYS B 86 36.68 -10.76 -24.30
N VAL B 87 35.88 -10.97 -25.34
CA VAL B 87 34.89 -10.02 -25.78
C VAL B 87 33.61 -10.79 -26.03
N VAL B 88 32.53 -10.07 -26.25
CA VAL B 88 31.27 -10.66 -26.66
C VAL B 88 30.95 -10.08 -28.02
N VAL B 89 30.62 -10.92 -28.97
CA VAL B 89 30.27 -10.47 -30.30
C VAL B 89 28.78 -10.67 -30.50
N LYS B 90 28.09 -9.61 -30.86
CA LYS B 90 26.64 -9.65 -31.09
C LYS B 90 26.44 -9.50 -32.59
N ILE B 91 26.13 -10.61 -33.26
CA ILE B 91 25.94 -10.59 -34.70
C ILE B 91 24.50 -10.16 -34.98
N LEU B 92 24.32 -8.97 -35.51
CA LEU B 92 22.98 -8.53 -35.88
C LEU B 92 22.44 -9.39 -37.02
N LYS B 93 21.18 -9.79 -36.88
CA LYS B 93 20.43 -10.27 -38.03
C LYS B 93 19.97 -9.08 -38.83
N PRO B 94 19.53 -9.27 -40.07
CA PRO B 94 19.26 -8.12 -40.96
C PRO B 94 18.15 -7.21 -40.43
N VAL B 95 18.52 -5.95 -40.15
CA VAL B 95 17.57 -4.88 -39.83
C VAL B 95 17.82 -3.69 -40.75
N LYS B 96 16.89 -2.73 -40.73
CA LYS B 96 17.06 -1.51 -41.50
C LYS B 96 18.32 -0.79 -41.03
N LYS B 97 19.15 -0.35 -41.98
CA LYS B 97 20.43 0.27 -41.63
C LYS B 97 20.27 1.45 -40.67
N LYS B 98 19.11 2.11 -40.69
CA LYS B 98 18.84 3.21 -39.77
C LYS B 98 18.94 2.72 -38.34
N LYS B 99 18.44 1.51 -38.08
CA LYS B 99 18.40 1.04 -36.71
C LYS B 99 19.75 0.54 -36.24
N ILE B 100 20.59 0.04 -37.17
CA ILE B 100 21.97 -0.27 -36.81
C ILE B 100 22.73 1.02 -36.45
N LYS B 101 22.63 2.03 -37.31
CA LYS B 101 23.20 3.33 -36.97
C LYS B 101 22.64 3.87 -35.67
N ARG B 102 21.33 3.71 -35.45
CA ARG B 102 20.73 4.12 -34.19
C ARG B 102 21.42 3.43 -33.01
N GLU B 103 21.40 2.09 -32.97
CA GLU B 103 22.01 1.38 -31.85
C GLU B 103 23.45 1.83 -31.63
N ILE B 104 24.24 1.90 -32.72
CA ILE B 104 25.65 2.25 -32.58
C ILE B 104 25.78 3.64 -31.97
N LYS B 105 25.12 4.63 -32.55
CA LYS B 105 25.19 5.99 -32.01
C LYS B 105 24.83 6.03 -30.53
N ILE B 106 23.76 5.31 -30.14
CA ILE B 106 23.30 5.36 -28.75
C ILE B 106 24.30 4.67 -27.83
N LEU B 107 24.89 3.55 -28.26
CA LEU B 107 25.94 2.94 -27.45
C LEU B 107 27.11 3.88 -27.31
N GLU B 108 27.53 4.49 -28.41
CA GLU B 108 28.63 5.43 -28.35
C GLU B 108 28.34 6.54 -27.35
N ASN B 109 27.08 7.00 -27.29
CA ASN B 109 26.78 8.14 -26.42
C ASN B 109 26.78 7.72 -24.97
N LEU B 110 26.34 6.50 -24.69
CA LEU B 110 26.18 6.06 -23.32
C LEU B 110 27.43 5.40 -22.75
N ARG B 111 28.50 5.26 -23.52
CA ARG B 111 29.65 4.52 -23.05
C ARG B 111 30.15 5.08 -21.74
N GLY B 112 30.43 4.19 -20.79
CA GLY B 112 30.93 4.60 -19.51
C GLY B 112 29.89 5.19 -18.58
N GLY B 113 28.61 5.04 -18.90
CA GLY B 113 27.57 5.40 -17.98
C GLY B 113 27.29 4.23 -17.07
N PRO B 114 26.69 4.51 -15.91
CA PRO B 114 26.55 3.49 -14.87
C PRO B 114 25.74 2.30 -15.34
N ASN B 115 26.37 1.12 -15.30
CA ASN B 115 25.71 -0.15 -15.62
C ASN B 115 25.18 -0.22 -17.04
N ILE B 116 25.85 0.47 -17.97
CA ILE B 116 25.58 0.37 -19.40
C ILE B 116 26.65 -0.53 -20.03
N ILE B 117 26.21 -1.47 -20.86
CA ILE B 117 27.15 -2.28 -21.61
C ILE B 117 28.06 -1.35 -22.46
N THR B 118 29.28 -1.80 -22.70
CA THR B 118 30.32 -0.92 -23.24
C THR B 118 30.82 -1.40 -24.60
N LEU B 119 30.50 -0.65 -25.65
CA LEU B 119 30.75 -1.11 -27.01
C LEU B 119 32.20 -0.83 -27.41
N ALA B 120 32.92 -1.89 -27.78
CA ALA B 120 34.36 -1.82 -27.99
C ALA B 120 34.76 -1.79 -29.46
N ASP B 121 33.99 -2.35 -30.38
CA ASP B 121 34.35 -2.30 -31.79
C ASP B 121 33.09 -2.55 -32.60
N ILE B 122 33.20 -2.38 -33.91
CA ILE B 122 32.10 -2.54 -34.85
C ILE B 122 32.72 -3.14 -36.09
N VAL B 123 32.46 -4.41 -36.31
CA VAL B 123 33.04 -5.11 -37.45
C VAL B 123 31.94 -5.62 -38.35
N LYS B 124 32.33 -5.88 -39.59
CA LYS B 124 31.47 -6.48 -40.59
C LYS B 124 32.16 -7.72 -41.07
N ASP B 125 31.37 -8.74 -41.35
CA ASP B 125 31.95 -9.99 -41.84
C ASP B 125 32.49 -9.79 -43.25
N PRO B 126 33.73 -10.22 -43.53
CA PRO B 126 34.36 -9.87 -44.82
C PRO B 126 33.58 -10.31 -46.06
N VAL B 127 32.95 -11.48 -46.05
CA VAL B 127 32.19 -11.96 -47.22
C VAL B 127 30.68 -11.78 -47.05
N SER B 128 30.12 -12.29 -45.94
CA SER B 128 28.67 -12.22 -45.72
C SER B 128 28.15 -10.80 -45.53
N ARG B 129 29.03 -9.83 -45.25
CA ARG B 129 28.68 -8.43 -45.06
C ARG B 129 27.74 -8.18 -43.87
N THR B 130 27.53 -9.19 -43.00
CA THR B 130 26.63 -9.05 -41.85
C THR B 130 27.33 -8.32 -40.71
N PRO B 131 26.78 -7.20 -40.21
CA PRO B 131 27.49 -6.43 -39.19
C PRO B 131 27.36 -7.03 -37.80
N ALA B 132 28.36 -6.74 -36.98
CA ALA B 132 28.48 -7.32 -35.64
C ALA B 132 28.99 -6.26 -34.70
N LEU B 133 28.46 -6.20 -33.49
CA LEU B 133 28.97 -5.27 -32.51
C LEU B 133 29.82 -6.01 -31.49
N VAL B 134 31.05 -5.56 -31.28
CA VAL B 134 31.95 -6.17 -30.31
C VAL B 134 31.82 -5.42 -28.99
N PHE B 135 31.52 -6.15 -27.91
CA PHE B 135 31.35 -5.56 -26.59
C PHE B 135 32.46 -5.97 -25.65
N GLU B 136 32.53 -5.27 -24.53
CA GLU B 136 33.45 -5.68 -23.49
CA GLU B 136 33.43 -5.62 -23.43
C GLU B 136 32.82 -6.77 -22.63
N HIS B 137 33.66 -7.71 -22.21
CA HIS B 137 33.19 -8.94 -21.58
C HIS B 137 32.57 -8.67 -20.21
N VAL B 138 31.49 -9.38 -19.91
CA VAL B 138 30.92 -9.46 -18.56
C VAL B 138 30.33 -10.85 -18.39
N ASN B 139 30.58 -11.45 -17.23
CA ASN B 139 30.23 -12.85 -17.00
C ASN B 139 28.86 -12.95 -16.38
N ASN B 140 27.87 -13.33 -17.19
CA ASN B 140 26.52 -13.53 -16.70
C ASN B 140 26.50 -14.73 -15.75
N THR B 141 26.14 -14.49 -14.49
CA THR B 141 25.83 -15.59 -13.58
C THR B 141 24.63 -16.37 -14.09
N ASP B 142 24.60 -17.66 -13.75
CA ASP B 142 23.55 -18.56 -14.21
C ASP B 142 22.17 -17.98 -13.94
N PHE B 143 21.37 -17.87 -15.01
CA PHE B 143 19.99 -17.41 -14.91
C PHE B 143 19.07 -18.43 -14.25
N LYS B 144 19.53 -19.68 -14.07
CA LYS B 144 18.76 -20.74 -13.41
C LYS B 144 19.17 -20.95 -11.95
N GLN B 145 20.32 -20.43 -11.54
CA GLN B 145 20.68 -20.26 -10.13
C GLN B 145 20.47 -18.81 -9.69
N LEU B 146 19.39 -18.18 -10.17
CA LEU B 146 19.02 -16.80 -9.87
C LEU B 146 17.54 -16.68 -9.51
N TYR B 147 17.01 -17.63 -8.75
CA TYR B 147 15.57 -17.69 -8.47
C TYR B 147 15.28 -17.77 -6.98
N GLN B 148 15.55 -18.90 -6.32
CA GLN B 148 15.39 -19.03 -4.88
C GLN B 148 16.53 -18.38 -4.10
N THR B 149 17.54 -17.83 -4.77
CA THR B 149 18.69 -17.21 -4.11
C THR B 149 18.65 -15.68 -4.11
N LEU B 150 17.66 -15.06 -4.75
CA LEU B 150 17.47 -13.61 -4.63
C LEU B 150 16.65 -13.33 -3.39
N THR B 151 17.32 -12.93 -2.30
CA THR B 151 16.60 -12.44 -1.14
C THR B 151 15.89 -11.12 -1.48
N ASP B 152 15.09 -10.64 -0.52
CA ASP B 152 14.42 -9.36 -0.72
C ASP B 152 15.44 -8.23 -0.85
N TYR B 153 16.60 -8.36 -0.19
CA TYR B 153 17.64 -7.36 -0.34
C TYR B 153 18.25 -7.40 -1.73
N ASP B 154 18.57 -8.60 -2.22
CA ASP B 154 19.19 -8.71 -3.53
C ASP B 154 18.32 -8.10 -4.61
N ILE B 155 17.00 -8.11 -4.42
CA ILE B 155 16.13 -7.51 -5.43
C ILE B 155 16.14 -6.00 -5.33
N ARG B 156 16.10 -5.44 -4.12
CA ARG B 156 16.19 -4.00 -3.95
C ARG B 156 17.52 -3.47 -4.46
N PHE B 157 18.60 -4.19 -4.18
CA PHE B 157 19.92 -3.83 -4.71
C PHE B 157 19.90 -3.75 -6.23
N TYR B 158 19.65 -4.88 -6.90
CA TYR B 158 19.70 -4.89 -8.37
C TYR B 158 18.67 -3.98 -9.00
N MET B 159 17.59 -3.64 -8.29
CA MET B 159 16.68 -2.63 -8.81
C MET B 159 17.32 -1.25 -8.79
N TYR B 160 18.02 -0.90 -7.70
CA TYR B 160 18.77 0.35 -7.68
C TYR B 160 19.77 0.40 -8.82
N GLU B 161 20.43 -0.74 -9.10
CA GLU B 161 21.36 -0.79 -10.23
C GLU B 161 20.65 -0.49 -11.55
N ILE B 162 19.42 -1.01 -11.72
CA ILE B 162 18.72 -0.81 -12.98
C ILE B 162 18.26 0.64 -13.11
N LEU B 163 17.81 1.23 -12.00
CA LEU B 163 17.43 2.64 -12.01
C LEU B 163 18.63 3.55 -12.27
N LYS B 164 19.82 3.18 -11.80
CA LYS B 164 21.00 3.97 -12.10
C LYS B 164 21.24 4.05 -13.61
N ALA B 165 21.05 2.94 -14.32
CA ALA B 165 21.26 2.97 -15.76
C ALA B 165 20.12 3.70 -16.45
N LEU B 166 18.90 3.55 -15.96
CA LEU B 166 17.78 4.26 -16.58
C LEU B 166 17.88 5.75 -16.34
N ASP B 167 18.16 6.18 -15.11
CA ASP B 167 18.30 7.62 -14.91
C ASP B 167 19.42 8.18 -15.75
N TYR B 168 20.52 7.43 -15.91
CA TYR B 168 21.62 7.92 -16.72
C TYR B 168 21.18 8.11 -18.17
N CYS B 169 20.55 7.11 -18.75
CA CYS B 169 20.24 7.24 -20.16
C CYS B 169 19.06 8.19 -20.39
N HIS B 170 18.13 8.29 -19.44
CA HIS B 170 17.06 9.26 -19.58
C HIS B 170 17.61 10.69 -19.57
N SER B 171 18.60 10.94 -18.71
CA SER B 171 19.25 12.24 -18.66
C SER B 171 20.15 12.50 -19.86
N MET B 172 20.53 11.44 -20.57
CA MET B 172 21.28 11.50 -21.81
C MET B 172 20.35 11.63 -23.00
N GLY B 173 19.04 11.73 -22.77
CA GLY B 173 18.09 11.96 -23.84
C GLY B 173 17.58 10.72 -24.55
N ILE B 174 17.72 9.54 -23.94
CA ILE B 174 17.51 8.26 -24.61
C ILE B 174 16.53 7.44 -23.80
N MET B 175 15.57 6.82 -24.47
CA MET B 175 14.70 5.84 -23.81
C MET B 175 15.03 4.44 -24.32
N HIS B 176 14.98 3.46 -23.42
CA HIS B 176 15.45 2.11 -23.75
C HIS B 176 14.38 1.30 -24.47
N ARG B 177 13.13 1.43 -24.04
CA ARG B 177 11.96 0.88 -24.70
C ARG B 177 11.90 -0.66 -24.65
N ASP B 178 12.85 -1.33 -24.01
CA ASP B 178 12.86 -2.79 -24.01
C ASP B 178 13.34 -3.32 -22.66
N VAL B 179 12.93 -2.68 -21.56
CA VAL B 179 13.30 -3.11 -20.22
C VAL B 179 12.51 -4.39 -19.89
N LYS B 180 13.19 -5.53 -19.89
CA LYS B 180 12.61 -6.82 -19.57
C LYS B 180 13.73 -7.67 -18.96
N PRO B 181 13.39 -8.72 -18.22
CA PRO B 181 14.47 -9.43 -17.51
C PRO B 181 15.50 -10.02 -18.44
N HIS B 182 15.13 -10.42 -19.66
CA HIS B 182 16.11 -10.96 -20.59
C HIS B 182 17.10 -9.89 -21.06
N ASN B 183 16.85 -8.62 -20.78
CA ASN B 183 17.75 -7.57 -21.16
C ASN B 183 18.52 -7.02 -19.99
N VAL B 184 18.50 -7.72 -18.86
CA VAL B 184 19.29 -7.35 -17.69
C VAL B 184 20.23 -8.50 -17.40
N MET B 185 21.50 -8.20 -17.28
CA MET B 185 22.51 -9.21 -17.10
C MET B 185 23.15 -9.03 -15.73
N ILE B 186 23.24 -10.12 -14.97
CA ILE B 186 23.70 -10.08 -13.59
C ILE B 186 25.03 -10.81 -13.52
N ASP B 187 25.93 -10.29 -12.69
CA ASP B 187 27.14 -11.02 -12.28
C ASP B 187 27.12 -11.05 -10.74
N HIS B 188 26.38 -12.01 -10.17
CA HIS B 188 26.14 -11.97 -8.73
C HIS B 188 27.38 -12.30 -7.92
N GLU B 189 28.27 -13.17 -8.41
CA GLU B 189 29.57 -13.32 -7.74
C GLU B 189 30.15 -11.97 -7.37
N HIS B 190 30.01 -10.98 -8.27
CA HIS B 190 30.56 -9.64 -8.08
C HIS B 190 29.51 -8.57 -7.84
N ARG B 191 28.22 -8.93 -7.82
CA ARG B 191 27.11 -7.97 -7.63
C ARG B 191 27.15 -6.87 -8.68
N LYS B 192 27.26 -7.28 -9.94
CA LYS B 192 27.38 -6.38 -11.07
C LYS B 192 26.20 -6.57 -12.03
N LEU B 193 25.71 -5.47 -12.57
CA LEU B 193 24.55 -5.44 -13.44
C LEU B 193 24.87 -4.63 -14.69
N ARG B 194 24.38 -5.07 -15.83
CA ARG B 194 24.51 -4.33 -17.07
C ARG B 194 23.17 -4.36 -17.79
N LEU B 195 22.80 -3.20 -18.33
CA LEU B 195 21.61 -3.07 -19.15
C LEU B 195 22.02 -3.29 -20.61
N ILE B 196 21.45 -4.31 -21.24
CA ILE B 196 21.90 -4.71 -22.58
C ILE B 196 20.80 -4.55 -23.62
N ASP B 197 21.06 -5.04 -24.84
CA ASP B 197 20.17 -4.88 -25.99
C ASP B 197 19.54 -3.51 -26.12
N TRP B 198 20.28 -2.59 -26.73
CA TRP B 198 19.86 -1.24 -27.00
C TRP B 198 19.33 -1.05 -28.41
N GLY B 199 19.05 -2.15 -29.12
CA GLY B 199 18.50 -2.08 -30.46
C GLY B 199 17.10 -1.51 -30.58
N LEU B 200 16.39 -1.29 -29.48
CA LEU B 200 15.09 -0.65 -29.57
C LEU B 200 15.12 0.77 -29.03
N ALA B 201 16.23 1.18 -28.41
CA ALA B 201 16.31 2.50 -27.82
C ALA B 201 16.14 3.58 -28.88
N GLU B 202 15.57 4.71 -28.47
CA GLU B 202 15.36 5.83 -29.36
C GLU B 202 15.60 7.11 -28.55
N PHE B 203 15.98 8.19 -29.27
CA PHE B 203 16.18 9.51 -28.66
C PHE B 203 14.85 10.18 -28.37
N TYR B 204 14.75 10.83 -27.21
CA TYR B 204 13.52 11.54 -26.91
C TYR B 204 13.55 12.93 -27.51
N HIS B 205 12.47 13.33 -28.16
CA HIS B 205 12.26 14.63 -28.79
C HIS B 205 10.86 15.13 -28.51
N PRO B 206 10.72 16.25 -27.82
CA PRO B 206 9.37 16.64 -27.38
C PRO B 206 8.45 16.81 -28.56
N GLY B 207 7.30 16.16 -28.50
CA GLY B 207 6.30 16.29 -29.53
C GLY B 207 6.47 15.37 -30.72
N GLN B 208 7.45 14.49 -30.70
CA GLN B 208 7.63 13.51 -31.76
C GLN B 208 6.85 12.24 -31.43
N GLU B 209 6.21 11.66 -32.44
CA GLU B 209 5.41 10.47 -32.28
C GLU B 209 6.23 9.24 -32.66
N TYR B 210 6.25 8.27 -31.76
CA TYR B 210 7.08 7.09 -31.90
C TYR B 210 6.23 5.90 -32.31
N ASN B 211 6.92 4.85 -32.73
CA ASN B 211 6.31 3.56 -32.98
C ASN B 211 5.82 2.95 -31.68
N VAL B 212 4.57 2.47 -31.67
CA VAL B 212 4.00 1.77 -30.52
C VAL B 212 4.14 0.26 -30.61
N ARG B 213 4.51 -0.29 -31.75
CA ARG B 213 4.76 -1.73 -31.84
C ARG B 213 6.22 -2.00 -31.46
N VAL B 214 6.53 -1.69 -30.20
CA VAL B 214 7.84 -1.93 -29.62
C VAL B 214 7.67 -2.66 -28.28
N ALA B 215 8.80 -3.20 -27.79
CA ALA B 215 8.93 -3.87 -26.50
C ALA B 215 8.32 -5.27 -26.49
N SER B 216 8.57 -6.03 -25.45
CA SER B 216 7.95 -7.34 -25.34
C SER B 216 6.52 -7.19 -24.84
N ARG B 217 5.65 -8.08 -25.34
CA ARG B 217 4.22 -8.03 -25.06
C ARG B 217 3.91 -7.88 -23.58
N TYR B 218 4.61 -8.62 -22.72
CA TYR B 218 4.23 -8.63 -21.32
C TYR B 218 4.64 -7.36 -20.61
N PHE B 219 5.39 -6.49 -21.29
CA PHE B 219 5.97 -5.31 -20.66
C PHE B 219 5.55 -4.00 -21.29
N LYS B 220 4.83 -4.05 -22.41
CA LYS B 220 4.29 -2.86 -23.03
C LYS B 220 3.50 -2.04 -22.02
N GLY B 221 3.53 -0.73 -22.18
CA GLY B 221 2.76 0.16 -21.34
C GLY B 221 1.43 0.50 -21.95
N PRO B 222 0.47 0.88 -21.12
CA PRO B 222 -0.86 1.26 -21.62
C PRO B 222 -0.84 2.24 -22.77
N GLU B 223 0.08 3.21 -22.73
CA GLU B 223 0.23 4.15 -23.83
C GLU B 223 0.62 3.44 -25.13
N LEU B 224 1.24 2.28 -25.04
CA LEU B 224 1.52 1.55 -26.28
C LEU B 224 0.29 0.76 -26.72
N LEU B 225 -0.46 0.20 -25.77
CA LEU B 225 -1.59 -0.66 -26.11
C LEU B 225 -2.82 0.13 -26.53
N VAL B 226 -2.89 1.42 -26.22
CA VAL B 226 -3.98 2.25 -26.72
C VAL B 226 -3.57 3.08 -27.92
N ASP B 227 -2.34 2.91 -28.41
CA ASP B 227 -1.81 3.59 -29.60
C ASP B 227 -1.66 5.10 -29.34
N TYR B 228 -1.04 5.44 -28.21
CA TYR B 228 -0.68 6.82 -27.91
C TYR B 228 0.79 6.99 -28.27
N GLN B 229 1.06 7.71 -29.34
CA GLN B 229 2.40 7.69 -29.91
C GLN B 229 3.36 8.67 -29.26
N MET B 230 2.89 9.55 -28.40
CA MET B 230 3.75 10.64 -27.93
C MET B 230 4.24 10.36 -26.52
N TYR B 231 4.91 9.21 -26.37
CA TYR B 231 5.39 8.80 -25.07
C TYR B 231 6.83 9.25 -24.83
N ASP B 232 7.40 8.84 -23.71
CA ASP B 232 8.68 9.37 -23.27
C ASP B 232 9.32 8.36 -22.33
N TYR B 233 10.31 8.83 -21.56
CA TYR B 233 11.08 7.94 -20.70
C TYR B 233 10.18 7.14 -19.76
N SER B 234 9.01 7.70 -19.40
CA SER B 234 8.13 7.02 -18.45
C SER B 234 7.67 5.67 -18.96
N LEU B 235 7.74 5.42 -20.26
CA LEU B 235 7.44 4.09 -20.75
C LEU B 235 8.36 3.07 -20.12
N ASP B 236 9.63 3.42 -19.94
CA ASP B 236 10.58 2.52 -19.29
C ASP B 236 10.16 2.21 -17.86
N MET B 237 9.50 3.15 -17.18
CA MET B 237 9.15 2.93 -15.78
C MET B 237 8.00 1.94 -15.65
N TRP B 238 7.06 1.96 -16.59
CA TRP B 238 6.04 0.92 -16.57
C TRP B 238 6.66 -0.45 -16.64
N SER B 239 7.71 -0.61 -17.47
CA SER B 239 8.31 -1.94 -17.61
C SER B 239 9.09 -2.33 -16.37
N LEU B 240 9.83 -1.39 -15.78
CA LEU B 240 10.38 -1.63 -14.45
C LEU B 240 9.31 -2.22 -13.53
N GLY B 241 8.19 -1.52 -13.39
CA GLY B 241 7.12 -2.00 -12.53
C GLY B 241 6.67 -3.41 -12.85
N CYS B 242 6.60 -3.75 -14.15
CA CYS B 242 6.29 -5.12 -14.54
C CYS B 242 7.35 -6.10 -14.08
N MET B 243 8.62 -5.71 -14.11
CA MET B 243 9.68 -6.59 -13.57
C MET B 243 9.50 -6.81 -12.09
N LEU B 244 9.56 -5.71 -11.33
CA LEU B 244 9.47 -5.76 -9.88
C LEU B 244 8.26 -6.57 -9.44
N ALA B 245 7.12 -6.37 -10.10
CA ALA B 245 5.92 -7.08 -9.69
C ALA B 245 6.09 -8.57 -9.88
N SER B 246 6.63 -8.99 -11.03
CA SER B 246 6.88 -10.41 -11.23
C SER B 246 7.94 -10.94 -10.27
N MET B 247 8.82 -10.06 -9.82
CA MET B 247 9.97 -10.50 -9.04
C MET B 247 9.57 -10.76 -7.59
N ILE B 248 8.81 -9.86 -7.00
CA ILE B 248 8.44 -10.01 -5.60
C ILE B 248 7.23 -10.90 -5.41
N PHE B 249 6.44 -11.15 -6.47
CA PHE B 249 5.27 -12.03 -6.40
C PHE B 249 5.55 -13.42 -6.90
N ARG B 250 6.69 -13.63 -7.55
CA ARG B 250 7.01 -14.89 -8.23
C ARG B 250 5.85 -15.33 -9.11
N LYS B 251 5.44 -14.39 -9.97
CA LYS B 251 4.47 -14.61 -11.04
C LYS B 251 5.14 -14.07 -12.32
N GLU B 252 5.66 -14.97 -13.15
CA GLU B 252 6.26 -14.57 -14.42
C GLU B 252 5.44 -15.10 -15.58
N PRO B 253 4.90 -14.22 -16.46
CA PRO B 253 4.91 -12.76 -16.31
C PRO B 253 3.80 -12.26 -15.40
N PHE B 254 3.86 -10.99 -14.99
CA PHE B 254 2.80 -10.54 -14.11
C PHE B 254 1.50 -10.28 -14.87
N PHE B 255 1.55 -9.61 -16.01
CA PHE B 255 0.39 -9.42 -16.88
C PHE B 255 0.55 -10.37 -18.05
N HIS B 256 -0.19 -11.47 -18.02
CA HIS B 256 -0.01 -12.57 -18.96
C HIS B 256 -1.11 -12.54 -20.00
N GLY B 257 -1.01 -11.57 -20.90
CA GLY B 257 -1.94 -11.47 -22.01
C GLY B 257 -1.57 -12.41 -23.15
N HIS B 258 -2.57 -12.78 -23.94
CA HIS B 258 -2.37 -13.69 -25.05
C HIS B 258 -2.27 -13.00 -26.40
N ASP B 259 -2.53 -11.70 -26.45
CA ASP B 259 -2.23 -10.86 -27.61
C ASP B 259 -2.22 -9.43 -27.10
N ASN B 260 -1.85 -8.51 -27.98
CA ASN B 260 -1.75 -7.13 -27.55
C ASN B 260 -3.09 -6.59 -27.07
N TYR B 261 -4.20 -7.14 -27.55
CA TYR B 261 -5.47 -6.61 -27.09
C TYR B 261 -5.81 -7.15 -25.71
N ASP B 262 -5.67 -8.47 -25.53
CA ASP B 262 -5.87 -9.06 -24.23
C ASP B 262 -4.85 -8.56 -23.22
N GLN B 263 -3.70 -8.07 -23.69
CA GLN B 263 -2.70 -7.55 -22.76
C GLN B 263 -3.24 -6.37 -21.98
N LEU B 264 -3.95 -5.45 -22.66
CA LEU B 264 -4.55 -4.33 -21.96
C LEU B 264 -5.64 -4.79 -21.02
N VAL B 265 -6.38 -5.83 -21.42
CA VAL B 265 -7.47 -6.34 -20.60
C VAL B 265 -6.94 -6.97 -19.31
N ARG B 266 -5.78 -7.62 -19.38
CA ARG B 266 -5.20 -8.18 -18.16
C ARG B 266 -4.67 -7.10 -17.23
N ILE B 267 -4.26 -5.95 -17.78
CA ILE B 267 -3.90 -4.80 -16.95
C ILE B 267 -5.15 -4.21 -16.31
N ALA B 268 -6.23 -4.08 -17.09
CA ALA B 268 -7.47 -3.55 -16.55
C ALA B 268 -8.04 -4.46 -15.47
N LYS B 269 -7.78 -5.76 -15.58
CA LYS B 269 -8.26 -6.68 -14.56
C LYS B 269 -7.52 -6.48 -13.24
N VAL B 270 -6.36 -5.84 -13.26
CA VAL B 270 -5.62 -5.55 -12.04
C VAL B 270 -5.78 -4.08 -11.62
N LEU B 271 -5.52 -3.13 -12.52
CA LEU B 271 -5.57 -1.71 -12.17
C LEU B 271 -6.95 -1.08 -12.28
N GLY B 272 -7.96 -1.85 -12.72
CA GLY B 272 -9.31 -1.35 -12.82
C GLY B 272 -9.57 -0.60 -14.11
N THR B 273 -10.84 -0.52 -14.48
CA THR B 273 -11.18 0.19 -15.70
C THR B 273 -11.36 1.67 -15.49
N GLU B 274 -11.92 2.09 -14.35
CA GLU B 274 -12.21 3.50 -14.13
C GLU B 274 -10.99 4.38 -14.38
N ASP B 275 -9.78 3.92 -14.02
CA ASP B 275 -8.63 4.75 -14.30
C ASP B 275 -8.25 4.72 -15.78
N LEU B 276 -8.33 3.55 -16.41
CA LEU B 276 -8.05 3.43 -17.84
C LEU B 276 -8.95 4.36 -18.65
N TYR B 277 -10.25 4.32 -18.38
CA TYR B 277 -11.15 5.20 -19.12
C TYR B 277 -10.98 6.66 -18.75
N ASP B 278 -10.36 6.96 -17.60
CA ASP B 278 -10.07 8.35 -17.26
C ASP B 278 -8.85 8.83 -18.00
N TYR B 279 -7.87 7.95 -18.14
CA TYR B 279 -6.71 8.19 -18.99
C TYR B 279 -7.15 8.48 -20.42
N ILE B 280 -7.88 7.53 -21.02
CA ILE B 280 -8.35 7.68 -22.39
C ILE B 280 -8.98 9.05 -22.56
N ASP B 281 -9.82 9.43 -21.61
CA ASP B 281 -10.46 10.75 -21.64
C ASP B 281 -9.44 11.87 -21.59
N LYS B 282 -8.56 11.85 -20.58
CA LYS B 282 -7.60 12.93 -20.38
C LYS B 282 -6.85 13.29 -21.65
N TYR B 283 -6.35 12.29 -22.38
CA TYR B 283 -5.55 12.52 -23.58
C TYR B 283 -6.36 12.43 -24.87
N ASN B 284 -7.69 12.60 -24.77
CA ASN B 284 -8.61 12.43 -25.90
C ASN B 284 -8.17 11.33 -26.87
N ILE B 285 -8.22 10.07 -26.44
CA ILE B 285 -7.62 8.97 -27.18
C ILE B 285 -8.67 8.25 -28.01
N GLU B 286 -8.39 8.09 -29.30
CA GLU B 286 -9.25 7.26 -30.15
C GLU B 286 -8.94 5.81 -29.82
N LEU B 287 -9.91 5.12 -29.24
CA LEU B 287 -9.72 3.77 -28.73
C LEU B 287 -10.23 2.77 -29.75
N ASP B 288 -9.42 1.76 -30.05
CA ASP B 288 -9.74 0.80 -31.09
C ASP B 288 -11.14 0.24 -30.88
N PRO B 289 -11.97 0.18 -31.93
CA PRO B 289 -13.28 -0.47 -31.77
C PRO B 289 -13.18 -1.98 -31.62
N ARG B 290 -11.98 -2.54 -31.71
CA ARG B 290 -11.78 -3.92 -31.29
C ARG B 290 -11.88 -4.05 -29.78
N PHE B 291 -11.46 -3.03 -29.04
CA PHE B 291 -11.51 -3.08 -27.57
C PHE B 291 -12.93 -3.06 -27.02
N ASN B 292 -13.89 -2.55 -27.81
CA ASN B 292 -15.19 -2.14 -27.29
C ASN B 292 -15.87 -3.21 -26.43
N ASP B 293 -15.61 -4.50 -26.70
CA ASP B 293 -16.41 -5.54 -26.09
C ASP B 293 -15.59 -6.51 -25.23
N ILE B 294 -14.43 -6.08 -24.72
CA ILE B 294 -13.57 -7.02 -23.99
C ILE B 294 -12.93 -6.38 -22.78
N LEU B 295 -12.82 -5.05 -22.76
CA LEU B 295 -12.37 -4.38 -21.53
C LEU B 295 -13.39 -4.56 -20.41
N GLY B 296 -14.65 -4.27 -20.68
CA GLY B 296 -15.64 -4.43 -19.63
C GLY B 296 -15.47 -3.44 -18.49
N ARG B 297 -15.84 -3.88 -17.29
CA ARG B 297 -15.82 -3.07 -16.08
C ARG B 297 -15.19 -3.90 -14.97
N HIS B 298 -14.14 -3.36 -14.35
CA HIS B 298 -13.33 -4.11 -13.41
C HIS B 298 -12.87 -3.23 -12.25
N SER B 299 -13.00 -3.76 -11.04
CA SER B 299 -12.52 -3.09 -9.85
C SER B 299 -11.00 -3.04 -9.87
N ARG B 300 -10.43 -2.11 -9.09
CA ARG B 300 -8.98 -1.93 -9.02
C ARG B 300 -8.43 -2.75 -7.85
N LYS B 301 -7.76 -3.87 -8.15
CA LYS B 301 -7.46 -4.84 -7.09
C LYS B 301 -6.37 -4.29 -6.16
N ARG B 302 -6.53 -4.57 -4.87
CA ARG B 302 -5.46 -4.37 -3.90
C ARG B 302 -4.36 -5.38 -4.17
N TRP B 303 -3.14 -5.05 -3.77
CA TRP B 303 -2.01 -5.93 -4.06
C TRP B 303 -1.97 -7.17 -3.19
N GLU B 304 -2.73 -7.22 -2.10
CA GLU B 304 -2.74 -8.43 -1.29
C GLU B 304 -3.25 -9.65 -2.05
N ARG B 305 -4.03 -9.46 -3.11
CA ARG B 305 -4.44 -10.57 -3.98
C ARG B 305 -3.28 -11.51 -4.24
N PHE B 306 -2.13 -10.95 -4.60
CA PHE B 306 -1.03 -11.69 -5.19
C PHE B 306 -0.03 -12.21 -4.18
N VAL B 307 -0.24 -11.95 -2.90
CA VAL B 307 0.68 -12.41 -1.86
C VAL B 307 0.19 -13.74 -1.33
N HIS B 308 1.11 -14.68 -1.21
CA HIS B 308 0.86 -15.97 -0.57
C HIS B 308 2.12 -16.36 0.17
N SER B 309 2.12 -17.54 0.78
CA SER B 309 3.26 -17.93 1.62
C SER B 309 4.56 -18.11 0.84
N GLU B 310 4.50 -18.43 -0.46
CA GLU B 310 5.74 -18.66 -1.21
C GLU B 310 6.45 -17.35 -1.55
N ASN B 311 5.71 -16.23 -1.66
CA ASN B 311 6.30 -14.95 -2.07
C ASN B 311 6.35 -13.92 -0.94
N GLN B 312 5.67 -14.16 0.19
CA GLN B 312 5.55 -13.17 1.26
C GLN B 312 6.89 -12.58 1.66
N HIS B 313 7.95 -13.39 1.67
CA HIS B 313 9.22 -12.93 2.21
C HIS B 313 9.83 -11.78 1.41
N LEU B 314 9.30 -11.48 0.22
CA LEU B 314 9.79 -10.41 -0.64
C LEU B 314 8.86 -9.22 -0.71
N VAL B 315 7.64 -9.35 -0.22
CA VAL B 315 6.65 -8.30 -0.23
C VAL B 315 6.71 -7.57 1.11
N SER B 316 6.73 -6.26 1.07
CA SER B 316 6.73 -5.41 2.24
C SER B 316 5.83 -4.22 1.94
N PRO B 317 5.45 -3.40 2.93
CA PRO B 317 4.65 -2.21 2.59
C PRO B 317 5.37 -1.23 1.68
N GLU B 318 6.70 -1.09 1.83
CA GLU B 318 7.45 -0.18 0.97
C GLU B 318 7.40 -0.67 -0.48
N ALA B 319 7.71 -1.95 -0.69
CA ALA B 319 7.71 -2.50 -2.04
C ALA B 319 6.36 -2.31 -2.73
N LEU B 320 5.26 -2.60 -2.03
CA LEU B 320 3.95 -2.45 -2.64
C LEU B 320 3.63 -0.97 -2.91
N ASP B 321 3.91 -0.10 -1.93
CA ASP B 321 3.88 1.33 -2.19
C ASP B 321 4.71 1.67 -3.42
N PHE B 322 5.95 1.22 -3.44
CA PHE B 322 6.84 1.55 -4.53
C PHE B 322 6.29 1.05 -5.86
N LEU B 323 5.80 -0.18 -5.90
CA LEU B 323 5.33 -0.75 -7.15
C LEU B 323 4.08 -0.04 -7.63
N ASP B 324 3.22 0.38 -6.69
CA ASP B 324 1.98 1.04 -7.06
C ASP B 324 2.26 2.36 -7.77
N LYS B 325 3.30 3.09 -7.30
CA LYS B 325 3.63 4.37 -7.90
C LYS B 325 4.26 4.23 -9.27
N LEU B 326 4.77 3.04 -9.61
CA LEU B 326 5.29 2.74 -10.93
C LEU B 326 4.21 2.35 -11.92
N LEU B 327 3.22 1.56 -11.50
CA LEU B 327 2.25 0.98 -12.43
C LEU B 327 1.00 1.84 -12.43
N ARG B 328 1.04 2.90 -13.24
CA ARG B 328 -0.06 3.81 -13.48
C ARG B 328 -0.32 3.88 -14.98
N TYR B 329 -1.61 4.03 -15.35
CA TYR B 329 -1.96 4.24 -16.74
C TYR B 329 -1.32 5.52 -17.27
N ASP B 330 -1.51 6.63 -16.54
CA ASP B 330 -1.02 7.95 -16.94
C ASP B 330 0.52 7.98 -16.89
N HIS B 331 1.15 7.96 -18.07
CA HIS B 331 2.61 8.00 -18.10
C HIS B 331 3.16 9.25 -17.41
N GLN B 332 2.42 10.36 -17.44
CA GLN B 332 2.82 11.56 -16.72
C GLN B 332 2.96 11.31 -15.22
N SER B 333 2.17 10.41 -14.66
CA SER B 333 2.13 10.28 -13.21
C SER B 333 3.04 9.18 -12.65
N ARG B 334 3.60 8.29 -13.46
CA ARG B 334 4.56 7.32 -12.92
C ARG B 334 5.76 8.03 -12.33
N LEU B 335 6.43 7.39 -11.38
CA LEU B 335 7.64 7.97 -10.85
C LEU B 335 8.69 8.09 -11.95
N THR B 336 9.47 9.17 -11.90
CA THR B 336 10.71 9.23 -12.68
C THR B 336 11.76 8.35 -12.02
N ALA B 337 12.76 7.94 -12.80
CA ALA B 337 13.82 7.10 -12.26
C ALA B 337 14.40 7.69 -10.97
N ARG B 338 14.78 8.96 -10.99
CA ARG B 338 15.42 9.49 -9.79
C ARG B 338 14.45 9.59 -8.64
N GLU B 339 13.19 9.95 -8.92
CA GLU B 339 12.16 9.87 -7.89
C GLU B 339 12.10 8.49 -7.28
N ALA B 340 12.19 7.45 -8.12
CA ALA B 340 12.16 6.07 -7.63
C ALA B 340 13.38 5.78 -6.76
N MET B 341 14.56 6.19 -7.22
CA MET B 341 15.79 5.95 -6.46
C MET B 341 15.66 6.46 -5.03
N GLU B 342 14.80 7.44 -4.84
CA GLU B 342 14.62 8.13 -3.57
C GLU B 342 13.40 7.64 -2.80
N HIS B 343 12.78 6.57 -3.27
CA HIS B 343 11.69 5.92 -2.55
C HIS B 343 12.25 5.26 -1.29
N PRO B 344 11.40 5.03 -0.27
CA PRO B 344 11.89 4.32 0.94
C PRO B 344 12.17 2.85 0.73
N TYR B 345 11.70 2.26 -0.37
CA TYR B 345 12.05 0.88 -0.70
C TYR B 345 13.57 0.68 -0.73
N PHE B 346 14.29 1.69 -1.22
CA PHE B 346 15.73 1.63 -1.35
C PHE B 346 16.46 2.33 -0.21
N TYR B 347 15.79 2.68 0.89
CA TYR B 347 16.48 3.38 1.97
C TYR B 347 17.68 2.58 2.46
N THR B 348 17.57 1.24 2.53
CA THR B 348 18.65 0.42 3.09
C THR B 348 19.84 0.29 2.16
N VAL B 349 19.60 0.15 0.84
CA VAL B 349 20.74 0.01 -0.08
C VAL B 349 21.46 1.33 -0.31
N VAL B 350 20.76 2.48 -0.17
CA VAL B 350 21.50 3.75 -0.26
C VAL B 350 22.28 4.02 1.03
N LYS B 351 21.83 3.48 2.17
CA LYS B 351 22.66 3.48 3.37
C LYS B 351 23.90 2.62 3.18
N ASP B 352 23.73 1.41 2.63
CA ASP B 352 24.87 0.52 2.39
C ASP B 352 25.85 1.13 1.39
N GLN B 353 25.34 1.74 0.32
CA GLN B 353 26.18 2.37 -0.67
C GLN B 353 26.88 3.63 -0.13
N ALA B 354 27.32 3.57 1.14
CA ALA B 354 27.99 4.68 1.83
C ALA B 354 28.40 4.29 3.26
C15 A1IVQ C . -10.53 12.93 25.65
C17 A1IVQ C . -10.06 12.03 27.83
C20 A1IVQ C . -11.94 14.32 28.01
C21 A1IVQ C . -10.54 14.52 27.46
C22 A1IVQ C . -13.43 13.07 29.72
C24 A1IVQ C . -12.73 11.34 31.52
C26 A1IVQ C . -12.95 9.95 32.13
C01 A1IVQ C . -3.01 8.34 20.62
C02 A1IVQ C . -3.81 8.13 19.32
C03 A1IVQ C . -5.18 8.97 19.23
C04 A1IVQ C . -5.61 9.88 20.46
C05 A1IVQ C . -6.06 9.30 21.66
C06 A1IVQ C . -6.46 10.08 22.76
C07 A1IVQ C . -6.46 11.48 22.77
C08 A1IVQ C . -6.03 12.07 21.55
C09 A1IVQ C . -5.61 11.31 20.42
C14 A1IVQ C . -9.70 13.39 24.47
C18 A1IVQ C . -11.45 11.89 28.45
C19 A1IVQ C . -11.96 13.23 29.08
C27 A1IVQ C . -13.98 9.06 31.88
C29 A1IVQ C . -12.60 7.94 33.39
C30 A1IVQ C . -12.04 9.25 33.11
C31 A1IVQ C . -10.80 9.56 33.80
C32 A1IVQ C . -10.19 8.67 34.67
C33 A1IVQ C . -10.79 7.38 34.91
C34 A1IVQ C . -11.97 7.03 34.28
C35 A1IVQ C . -3.97 6.63 18.98
N13 A1IVQ C . -8.75 12.30 24.13
N16 A1IVQ C . -9.86 13.26 26.95
N28 A1IVQ C . -13.79 7.84 32.63
O11 A1IVQ C . -6.66 13.82 24.11
O12 A1IVQ C . -6.55 11.90 25.47
O23 A1IVQ C . -13.64 11.93 30.62
O25 A1IVQ C . -11.72 11.99 31.82
S10 A1IVQ C . -7.03 12.47 24.28
S SO4 D . -27.42 -2.27 23.62
O1 SO4 D . -27.58 -1.06 22.79
O2 SO4 D . -26.47 -1.93 24.68
O3 SO4 D . -28.68 -2.66 24.25
O4 SO4 D . -26.92 -3.40 22.83
S SO4 E . -30.34 -2.89 42.34
O1 SO4 E . -29.51 -2.77 41.13
O2 SO4 E . -30.22 -1.71 43.22
O3 SO4 E . -31.75 -2.97 41.96
O4 SO4 E . -29.91 -4.09 43.07
S SO4 F . -15.66 10.41 -7.53
O1 SO4 F . -14.91 11.62 -7.88
O2 SO4 F . -15.85 10.43 -6.07
O3 SO4 F . -16.97 10.45 -8.19
O4 SO4 F . -14.91 9.23 -8.00
S SO4 G . -39.37 -0.46 29.39
O1 SO4 G . -38.48 0.42 28.62
O2 SO4 G . -40.10 0.36 30.35
O3 SO4 G . -40.29 -1.16 28.49
O4 SO4 G . -38.55 -1.48 30.08
S SO4 H . -2.57 -1.80 32.93
O1 SO4 H . -2.25 -1.80 31.49
O2 SO4 H . -1.72 -0.75 33.55
O3 SO4 H . -3.99 -1.49 33.15
O4 SO4 H . -2.26 -3.12 33.52
S SO4 I . -33.03 1.94 44.68
O1 SO4 I . -32.48 1.78 43.32
O2 SO4 I . -33.30 3.36 44.95
O3 SO4 I . -34.28 1.19 44.75
O4 SO4 I . -32.06 1.40 45.66
S SO4 J . -35.26 -1.27 34.39
O1 SO4 J . -34.12 -2.09 33.93
O2 SO4 J . -34.81 0.08 34.74
O3 SO4 J . -36.24 -1.13 33.29
O4 SO4 J . -35.86 -1.96 35.55
C15 A1IVQ K . 19.74 -13.78 -18.32
C17 A1IVQ K . 21.21 -12.57 -19.81
C20 A1IVQ K . 19.98 -13.97 -22.12
C21 A1IVQ K . 19.45 -14.17 -20.70
C22 A1IVQ K . 22.10 -13.52 -23.60
C24 A1IVQ K . 23.93 -11.74 -23.53
C26 A1IVQ K . 24.54 -10.41 -24.06
C01 A1IVQ K . 16.20 -6.93 -10.06
C02 A1IVQ K . 16.18 -8.45 -10.46
C03 A1IVQ K . 15.63 -8.67 -11.92
C04 A1IVQ K . 16.41 -9.70 -12.79
C05 A1IVQ K . 17.40 -9.28 -13.69
C06 A1IVQ K . 18.10 -10.23 -14.49
C07 A1IVQ K . 17.87 -11.63 -14.43
C08 A1IVQ K . 16.87 -12.04 -13.53
C09 A1IVQ K . 16.15 -11.11 -12.72
C14 A1IVQ K . 18.93 -12.53 -18.37
C18 A1IVQ K . 21.65 -12.31 -21.27
C19 A1IVQ K . 21.50 -13.61 -22.12
C27 A1IVQ K . 24.00 -9.51 -24.98
C29 A1IVQ K . 25.97 -8.55 -24.33
C30 A1IVQ K . 25.80 -9.79 -23.63
C31 A1IVQ K . 26.85 -10.17 -22.71
C32 A1IVQ K . 27.96 -9.38 -22.52
C33 A1IVQ K . 28.08 -8.13 -23.23
C34 A1IVQ K . 27.10 -7.72 -24.13
C35 A1IVQ K . 17.58 -9.13 -10.25
N13 A1IVQ K . 18.14 -12.49 -17.10
N16 A1IVQ K . 20.49 -13.90 -19.62
N28 A1IVQ K . 24.86 -8.38 -25.16
O11 A1IVQ K . 18.49 -14.17 -15.16
O12 A1IVQ K . 20.22 -12.58 -15.45
O23 A1IVQ K . 22.70 -12.25 -23.99
O25 A1IVQ K . 24.47 -12.37 -22.60
S10 A1IVQ K . 18.83 -12.85 -15.53
S SO4 L . 11.25 1.71 -34.32
O1 SO4 L . 11.88 2.52 -35.39
O2 SO4 L . 10.90 2.64 -33.22
O3 SO4 L . 10.02 1.11 -34.85
O4 SO4 L . 12.12 0.63 -33.85
S SO4 M . -13.90 -8.15 -11.60
O1 SO4 M . -14.81 -7.51 -12.56
O2 SO4 M . -13.82 -7.31 -10.38
O3 SO4 M . -14.43 -9.49 -11.32
O4 SO4 M . -12.58 -8.35 -12.22
S SO4 N . 4.28 -6.33 -31.70
O1 SO4 N . 4.88 -6.61 -33.00
O2 SO4 N . 5.21 -5.54 -30.87
O3 SO4 N . 3.05 -5.56 -31.89
O4 SO4 N . 3.96 -7.59 -31.00
S SO4 O . -9.40 -15.52 -18.83
O1 SO4 O . -9.31 -14.55 -19.93
O2 SO4 O . -9.31 -14.80 -17.53
O3 SO4 O . -10.69 -16.21 -18.92
O4 SO4 O . -8.29 -16.47 -18.90
S SO4 P . 30.27 1.21 -15.83
O1 SO4 P . 30.32 1.14 -17.31
O2 SO4 P . 30.07 2.61 -15.41
O3 SO4 P . 29.15 0.40 -15.32
O4 SO4 P . 31.54 0.75 -15.28
S SO4 Q . 4.41 12.33 -8.84
O1 SO4 Q . 4.66 13.08 -10.07
O2 SO4 Q . 4.69 13.24 -7.71
O3 SO4 Q . 3.01 11.90 -8.82
O4 SO4 Q . 5.28 11.15 -8.73
S SO4 R . -14.74 -11.15 -17.25
O1 SO4 R . -15.45 -10.12 -18.01
O2 SO4 R . -14.09 -10.54 -16.08
O3 SO4 R . -15.69 -12.17 -16.79
O4 SO4 R . -13.71 -11.75 -18.10
#